data_4ENZ
#
_entry.id   4ENZ
#
_cell.length_a   210.775
_cell.length_b   210.775
_cell.length_c   84.502
_cell.angle_alpha   90.00
_cell.angle_beta   90.00
_cell.angle_gamma   120.00
#
_symmetry.space_group_name_H-M   'P 32 2 1'
#
loop_
_entity.id
_entity.type
_entity.pdbx_description
1 polymer Ceruloplasmin
2 non-polymer 2-acetamido-2-deoxy-beta-D-glucopyranose
3 non-polymer 'COPPER (II) ION'
4 non-polymer 'OXYGEN ATOM'
5 non-polymer 'OXYGEN MOLECULE'
6 non-polymer 'CALCIUM ION'
7 non-polymer 'SODIUM ION'
8 non-polymer GLYCEROL
9 water water
#
_entity_poly.entity_id   1
_entity_poly.type   'polypeptide(L)'
_entity_poly.pdbx_seq_one_letter_code
;MKILILGIFLFLCSTPAWAKEKHYYIGIIETTWDYASDHGEKKLISVDTEHSNIYLQNGPDRIGRLYKKALYLQYTDETF
RTTIEKPVWLGFLGPIIKAETGDKVYVHLKNLASRPYTFHSHGITYYKEHEGAIYPDNTTDFQRADDKVYPGEQYTYMLL
ATEEQSPGEGDGNCVTRIYHSHIDAPKDIASGLIGPLIICKKDSLDKEKEKHIDREFVVMFSVVDENFSWYLEDNIKTYC
SEPEKVDKDNEDFQESNRMYSVNGYTFGSLPGLSMCAEDRVKWYLFGMGNEVDVHAAFFHGQALTNKNYRIDTINLFPAT
LFDAYMVAQNPGEWMLSCQNLNHLKAGLQAFFQVQECNKSSSKDNIRGKHVRHYYIAAEEIIWNYAPSGIDIFTKENLTA
PGSDSAVFFEQGTTRIGGSYKKLVYREYTDASFTNRKERGPEEEHLGILGPVIWAEVGDTIRVTFHNKGAYPLSIEPIGV
RFNKNNEGTYYSPNYNPQSRSVPPSASHVAPTETFTYEWTVPKEVGPTNADPVCLAKMYYSAVDPTKDIFTGLIGPMKIC
KKGSLHANGRQKDVDKEFYLFPTVFDENESLLLEDNIRMFTTAPDQVDKEDEDFQESNKMHSMNGFMYGNQPGLTMCKGD
SVVWYLFSAGNEADVHGIYFSGNTYLWRGERRDTANLFPQTSLTLHMWPDTEGTFNVECLTTDHYTGGMKQKYTVNQCRR
QSEDSTFYLGERTYYIAAVEVEWDYSPQREWEKELHHLQEQNVSNAFLDKGEFYIGSKYKKVVYRQYTDSTFRVPVERKA
EEEHLGILGPQLHADVGDKVKIIFKNMATRPYSIHAHGVQTESSTVTPTLPGETLTYVWKIPERSGAGTEDSACIPWAYY
STVDQVKDLYSGLIGPLIVCRRPYLKVFNPRRKLEFALLFLVFDENESWYLDDNIKTYSDHPEKVNKDDEEFIESNKMHA
INGRMFGNLQGLTMHVGDEVNWYLMGMGNEIDLHTVHFHGHSFQYKHRGVYSSDVFDIFPGTYQTLEMFPRTPGIWLLHC
HVTDHIHAGMETTYTVLQNEDTKSG
;
_entity_poly.pdbx_strand_id   A
#
loop_
_chem_comp.id
_chem_comp.type
_chem_comp.name
_chem_comp.formula
CA non-polymer 'CALCIUM ION' 'Ca 2'
CU non-polymer 'COPPER (II) ION' 'Cu 2'
GOL non-polymer GLYCEROL 'C3 H8 O3'
NA non-polymer 'SODIUM ION' 'Na 1'
NAG D-saccharide, beta linking 2-acetamido-2-deoxy-beta-D-glucopyranose 'C8 H15 N O6'
O non-polymer 'OXYGEN ATOM' O
OXY non-polymer 'OXYGEN MOLECULE' O2
#
# COMPACT_ATOMS: atom_id res chain seq x y z
N LYS A 20 28.19 6.71 23.08
CA LYS A 20 28.20 7.86 24.03
C LYS A 20 26.82 8.14 24.55
N GLU A 21 26.72 9.06 25.52
CA GLU A 21 25.41 9.54 25.98
C GLU A 21 25.10 10.94 25.44
N LYS A 22 23.96 11.06 24.76
CA LYS A 22 23.50 12.27 24.07
C LYS A 22 22.23 12.82 24.71
N HIS A 23 22.13 14.14 24.75
CA HIS A 23 21.04 14.87 25.39
C HIS A 23 20.34 15.81 24.38
N TYR A 24 19.02 15.74 24.29
CA TYR A 24 18.23 16.69 23.50
C TYR A 24 17.22 17.34 24.42
N TYR A 25 16.92 18.60 24.12
CA TYR A 25 15.96 19.33 24.86
C TYR A 25 14.85 19.73 23.89
N ILE A 26 13.66 19.15 24.06
CA ILE A 26 12.55 19.42 23.15
C ILE A 26 11.35 19.98 23.87
N GLY A 27 10.97 21.20 23.50
CA GLY A 27 9.79 21.81 24.07
C GLY A 27 8.63 21.56 23.13
N ILE A 28 7.44 21.39 23.69
CA ILE A 28 6.22 21.47 22.92
C ILE A 28 5.62 22.86 23.11
N ILE A 29 5.57 23.67 22.06
CA ILE A 29 4.84 24.94 22.10
C ILE A 29 3.63 24.93 21.19
N GLU A 30 2.72 25.86 21.42
CA GLU A 30 1.61 26.12 20.53
C GLU A 30 2.03 27.29 19.67
N THR A 31 1.76 27.21 18.39
CA THR A 31 2.15 28.27 17.50
C THR A 31 1.35 28.21 16.22
N THR A 32 1.34 29.33 15.53
CA THR A 32 0.59 29.42 14.30
C THR A 32 1.48 28.96 13.13
N TRP A 33 0.94 28.06 12.30
CA TRP A 33 1.68 27.47 11.17
C TRP A 33 1.04 27.77 9.83
N ASP A 34 1.92 28.13 8.89
CA ASP A 34 1.54 28.51 7.54
C ASP A 34 1.87 27.37 6.57
N TYR A 35 0.83 26.87 5.91
CA TYR A 35 0.91 25.71 4.99
C TYR A 35 1.37 26.06 3.57
N ALA A 36 1.55 27.34 3.29
CA ALA A 36 2.02 27.74 1.98
C ALA A 36 2.52 29.13 2.13
N SER A 37 3.67 29.30 2.78
CA SER A 37 4.11 30.64 3.25
C SER A 37 4.39 31.63 2.09
N ASP A 38 3.55 31.54 1.05
CA ASP A 38 3.71 32.20 -0.26
C ASP A 38 4.79 31.38 -1.04
N HIS A 39 5.64 31.98 -1.88
CA HIS A 39 5.61 33.41 -2.34
C HIS A 39 5.54 33.55 -3.88
N GLY A 40 5.57 32.41 -4.59
CA GLY A 40 5.19 32.33 -6.01
C GLY A 40 6.04 33.08 -7.03
N GLU A 41 5.62 33.08 -8.31
CA GLU A 41 4.35 32.46 -8.78
C GLU A 41 4.58 31.15 -9.57
N LYS A 42 3.88 30.09 -9.13
CA LYS A 42 4.16 28.71 -9.51
C LYS A 42 3.18 28.15 -10.54
N LYS A 43 3.65 27.18 -11.31
CA LYS A 43 2.77 26.28 -12.05
C LYS A 43 3.10 24.87 -11.61
N LEU A 44 2.10 24.24 -11.01
CA LEU A 44 2.21 22.86 -10.56
C LEU A 44 1.51 21.92 -11.54
N ILE A 45 1.88 20.65 -11.50
CA ILE A 45 1.30 19.65 -12.37
C ILE A 45 -0.16 19.49 -11.99
N SER A 46 -1.00 19.49 -13.00
CA SER A 46 -2.42 19.21 -12.88
C SER A 46 -3.16 20.14 -11.92
N VAL A 47 -2.66 21.36 -11.77
CA VAL A 47 -3.28 22.32 -10.89
C VAL A 47 -3.31 23.67 -11.54
N ASP A 48 -4.52 24.09 -11.91
CA ASP A 48 -4.75 25.47 -12.38
C ASP A 48 -4.50 26.48 -11.25
N THR A 49 -4.26 27.72 -11.66
CA THR A 49 -3.88 28.79 -10.72
C THR A 49 -4.98 29.13 -9.67
N GLU A 50 -6.21 28.63 -9.86
CA GLU A 50 -7.35 28.93 -8.99
C GLU A 50 -7.66 27.82 -7.95
N HIS A 51 -7.30 26.57 -8.28
CA HIS A 51 -7.66 25.40 -7.46
C HIS A 51 -7.19 25.45 -5.99
N SER A 52 -6.06 26.11 -5.75
CA SER A 52 -5.47 26.20 -4.41
C SER A 52 -6.41 26.89 -3.42
N ASN A 53 -7.17 27.87 -3.90
CA ASN A 53 -8.17 28.54 -3.08
C ASN A 53 -9.00 27.55 -2.22
N ILE A 54 -9.37 26.40 -2.78
CA ILE A 54 -10.16 25.42 -2.00
C ILE A 54 -9.61 25.22 -0.57
N TYR A 55 -8.29 25.05 -0.50
CA TYR A 55 -7.55 24.71 0.72
C TYR A 55 -6.89 25.92 1.40
N LEU A 56 -6.41 26.88 0.62
CA LEU A 56 -5.65 28.02 1.15
C LEU A 56 -6.43 29.37 1.38
N GLN A 57 -7.72 29.40 1.04
CA GLN A 57 -8.53 30.63 1.00
C GLN A 57 -9.34 30.87 2.27
N ASN A 58 -8.87 31.79 3.12
CA ASN A 58 -9.65 32.33 4.24
C ASN A 58 -11.04 32.76 3.75
N GLY A 59 -12.09 32.47 4.53
CA GLY A 59 -13.45 32.87 4.16
C GLY A 59 -14.38 32.95 5.36
N PRO A 60 -15.66 33.28 5.10
CA PRO A 60 -16.63 33.26 6.18
C PRO A 60 -16.84 31.89 6.84
N ASP A 61 -16.56 30.81 6.11
CA ASP A 61 -16.74 29.43 6.60
C ASP A 61 -15.55 28.53 6.28
N ARG A 62 -14.38 29.14 6.07
CA ARG A 62 -13.16 28.44 5.71
C ARG A 62 -11.99 29.09 6.42
N ILE A 63 -11.10 28.28 6.95
CA ILE A 63 -10.00 28.74 7.78
C ILE A 63 -8.86 29.36 6.98
N GLY A 64 -8.60 28.75 5.82
CA GLY A 64 -7.53 29.19 4.96
C GLY A 64 -6.28 28.40 5.23
N ARG A 65 -5.15 29.10 5.22
CA ARG A 65 -3.85 28.47 5.21
C ARG A 65 -3.09 28.56 6.53
N LEU A 66 -3.54 29.44 7.43
CA LEU A 66 -2.96 29.55 8.75
C LEU A 66 -3.72 28.64 9.69
N TYR A 67 -3.01 27.81 10.46
CA TYR A 67 -3.61 27.09 11.61
C TYR A 67 -2.73 27.16 12.89
N LYS A 68 -3.38 27.22 14.05
CA LYS A 68 -2.71 26.96 15.32
C LYS A 68 -2.44 25.46 15.41
N LYS A 69 -1.27 25.08 15.87
CA LYS A 69 -0.98 23.69 16.16
C LYS A 69 0.11 23.50 17.25
N ALA A 70 0.34 22.25 17.65
CA ALA A 70 1.31 21.97 18.70
C ALA A 70 2.52 21.39 18.04
N LEU A 71 3.67 21.99 18.24
CA LEU A 71 4.87 21.54 17.54
C LEU A 71 6.00 21.31 18.53
N TYR A 72 6.91 20.39 18.16
CA TYR A 72 8.13 20.16 18.90
C TYR A 72 9.20 21.14 18.38
N LEU A 73 9.88 21.82 19.31
CA LEU A 73 11.07 22.63 19.03
C LEU A 73 12.26 22.16 19.86
N GLN A 74 13.47 22.49 19.41
CA GLN A 74 14.70 22.04 20.06
C GLN A 74 15.25 23.20 20.82
N TYR A 75 15.86 22.92 21.96
CA TYR A 75 16.37 23.99 22.82
C TYR A 75 17.83 23.72 23.13
N THR A 76 18.56 24.75 23.54
CA THR A 76 19.96 24.57 23.89
C THR A 76 20.10 24.00 25.28
N ASP A 77 19.02 24.01 26.06
CA ASP A 77 19.14 24.15 27.51
C ASP A 77 17.92 23.72 28.35
N GLU A 78 18.21 23.17 29.55
CA GLU A 78 17.24 22.77 30.60
C GLU A 78 16.35 23.92 31.10
N THR A 79 16.84 25.14 30.93
CA THR A 79 16.04 26.34 31.05
C THR A 79 15.61 26.63 29.64
N PHE A 80 14.40 26.21 29.29
CA PHE A 80 13.98 26.11 27.89
C PHE A 80 13.66 27.46 27.27
N ARG A 81 14.69 28.25 26.98
CA ARG A 81 14.43 29.65 26.59
C ARG A 81 14.99 30.04 25.23
N THR A 82 16.18 29.56 24.86
CA THR A 82 16.70 29.85 23.53
C THR A 82 16.59 28.59 22.63
N THR A 83 15.88 28.74 21.52
CA THR A 83 15.58 27.66 20.58
C THR A 83 16.80 27.38 19.66
N ILE A 84 16.99 26.11 19.23
CA ILE A 84 17.96 25.77 18.19
C ILE A 84 17.23 25.58 16.87
N GLU A 85 17.37 26.50 15.93
CA GLU A 85 16.48 26.52 14.76
C GLU A 85 16.72 25.33 13.85
N LYS A 86 15.65 24.86 13.22
CA LYS A 86 15.77 23.73 12.36
C LYS A 86 15.93 24.18 10.92
N PRO A 87 16.49 23.31 10.08
CA PRO A 87 16.55 23.60 8.67
C PRO A 87 15.15 23.84 8.10
N VAL A 88 15.08 24.79 7.18
CA VAL A 88 13.82 25.23 6.64
C VAL A 88 12.98 24.12 5.96
N TRP A 89 13.63 23.07 5.43
CA TRP A 89 12.93 21.98 4.68
C TRP A 89 12.23 20.98 5.58
N LEU A 90 12.59 20.98 6.85
CA LEU A 90 11.95 20.16 7.85
C LEU A 90 10.50 20.54 8.04
N GLY A 91 10.14 21.78 7.75
CA GLY A 91 8.76 22.21 8.00
C GLY A 91 8.42 22.21 9.48
N PHE A 92 7.24 21.71 9.82
CA PHE A 92 6.84 21.66 11.20
C PHE A 92 7.30 20.43 11.94
N LEU A 93 7.96 19.49 11.25
CA LEU A 93 8.43 18.29 11.93
C LEU A 93 9.23 18.68 13.14
N GLY A 94 9.22 17.82 14.15
CA GLY A 94 10.10 18.00 15.28
C GLY A 94 11.53 18.00 14.79
N PRO A 95 12.45 18.43 15.63
CA PRO A 95 13.88 18.39 15.35
C PRO A 95 14.41 17.00 15.14
N ILE A 96 15.47 16.90 14.34
CA ILE A 96 16.00 15.58 13.97
C ILE A 96 16.78 15.02 15.14
N ILE A 97 16.38 13.84 15.61
CA ILE A 97 17.19 13.13 16.61
C ILE A 97 17.95 12.02 15.91
N LYS A 98 19.22 11.82 16.25
CA LYS A 98 20.00 10.74 15.69
C LYS A 98 20.59 9.88 16.80
N ALA A 99 20.81 8.59 16.52
CA ALA A 99 21.57 7.71 17.43
C ALA A 99 22.30 6.58 16.69
N GLU A 100 23.43 6.18 17.24
CA GLU A 100 24.21 5.04 16.77
C GLU A 100 24.06 3.89 17.76
N THR A 101 24.06 2.66 17.29
CA THR A 101 24.09 1.48 18.16
C THR A 101 25.09 1.65 19.33
N GLY A 102 24.60 1.40 20.54
CA GLY A 102 25.38 1.56 21.78
C GLY A 102 25.06 2.82 22.56
N ASP A 103 24.58 3.86 21.87
CA ASP A 103 24.19 5.14 22.43
C ASP A 103 22.96 5.13 23.35
N LYS A 104 23.03 5.96 24.37
CA LYS A 104 22.00 6.15 25.40
C LYS A 104 21.50 7.59 25.16
N VAL A 105 20.24 7.74 24.79
CA VAL A 105 19.72 9.06 24.43
C VAL A 105 18.79 9.50 25.51
N TYR A 106 18.99 10.72 25.98
CA TYR A 106 18.16 11.32 26.99
C TYR A 106 17.35 12.44 26.34
N VAL A 107 16.03 12.32 26.31
CA VAL A 107 15.20 13.34 25.71
C VAL A 107 14.49 14.09 26.81
N HIS A 108 14.85 15.35 26.98
CA HIS A 108 14.27 16.21 28.01
C HIS A 108 13.09 16.97 27.42
N LEU A 109 11.89 16.52 27.74
CA LEU A 109 10.69 17.14 27.20
C LEU A 109 10.21 18.18 28.20
N LYS A 110 9.83 19.35 27.72
CA LYS A 110 8.99 20.26 28.49
C LYS A 110 7.73 20.58 27.70
N ASN A 111 6.58 20.50 28.37
CA ASN A 111 5.29 20.78 27.74
C ASN A 111 4.90 22.22 28.01
N LEU A 112 4.96 23.05 26.97
CA LEU A 112 4.56 24.44 27.10
C LEU A 112 3.22 24.75 26.43
N ALA A 113 2.51 23.72 25.97
CA ALA A 113 1.17 23.89 25.39
C ALA A 113 0.06 23.96 26.45
N SER A 114 -1.20 23.96 25.99
CA SER A 114 -2.42 24.08 26.83
C SER A 114 -3.03 22.73 27.22
N ARG A 115 -2.42 21.64 26.75
CA ARG A 115 -2.96 20.31 27.05
C ARG A 115 -1.84 19.26 27.19
N PRO A 116 -2.14 18.10 27.79
CA PRO A 116 -1.22 16.94 27.93
C PRO A 116 -0.68 16.40 26.64
N TYR A 117 0.60 16.04 26.63
CA TYR A 117 1.25 15.35 25.49
C TYR A 117 2.34 14.40 25.96
N THR A 118 2.92 13.67 25.01
CA THR A 118 4.07 12.82 25.29
C THR A 118 5.09 12.84 24.19
N PHE A 119 6.14 12.06 24.42
CA PHE A 119 7.16 11.74 23.44
C PHE A 119 7.29 10.21 23.37
N HIS A 120 6.71 9.59 22.35
CA HIS A 120 6.89 8.17 22.11
C HIS A 120 7.77 7.99 20.91
N SER A 121 8.78 7.13 20.99
CA SER A 121 9.74 6.99 19.90
C SER A 121 9.68 5.60 19.31
N HIS A 122 9.75 5.51 17.99
CA HIS A 122 9.56 4.24 17.33
C HIS A 122 10.80 3.30 17.37
N GLY A 123 12.00 3.68 17.03
CA GLY A 123 12.95 2.55 16.80
C GLY A 123 14.07 2.39 17.81
N ILE A 124 13.74 2.30 19.08
CA ILE A 124 14.78 2.41 20.12
C ILE A 124 14.25 1.77 21.38
N THR A 125 15.10 1.31 22.28
CA THR A 125 14.57 0.51 23.36
C THR A 125 14.42 1.30 24.64
N TYR A 126 13.29 1.04 25.31
CA TYR A 126 12.95 1.73 26.53
C TYR A 126 12.17 0.85 27.46
N TYR A 127 12.29 1.13 28.77
CA TYR A 127 11.39 0.50 29.74
C TYR A 127 10.00 1.16 29.67
N LYS A 128 9.02 0.62 30.37
CA LYS A 128 7.68 1.22 30.39
C LYS A 128 7.63 2.68 30.90
N GLU A 129 8.57 3.08 31.77
CA GLU A 129 8.70 4.46 32.22
C GLU A 129 9.02 5.42 31.12
N HIS A 130 9.46 4.92 29.97
CA HIS A 130 10.00 5.79 28.93
C HIS A 130 9.40 5.58 27.55
N GLU A 131 8.25 4.94 27.50
CA GLU A 131 7.53 4.65 26.25
C GLU A 131 6.71 5.84 25.78
N GLY A 132 6.25 6.66 26.69
CA GLY A 132 5.48 7.83 26.29
C GLY A 132 4.17 7.53 25.60
N ALA A 133 3.49 6.49 26.02
CA ALA A 133 2.23 6.15 25.40
C ALA A 133 1.27 5.58 26.46
N ILE A 134 0.02 6.04 26.43
CA ILE A 134 -0.95 5.71 27.44
C ILE A 134 -1.90 4.67 26.91
N TYR A 135 -2.10 3.61 27.68
CA TYR A 135 -3.00 2.53 27.30
C TYR A 135 -2.99 1.49 28.39
N PRO A 136 -4.00 0.61 28.41
CA PRO A 136 -4.11 -0.35 29.50
C PRO A 136 -3.05 -1.45 29.47
N ASP A 137 -2.06 -1.32 30.32
CA ASP A 137 -0.92 -2.21 30.36
C ASP A 137 -0.52 -2.66 31.79
N ASN A 138 -1.40 -2.42 32.76
CA ASN A 138 -1.19 -2.83 34.13
C ASN A 138 0.05 -2.19 34.78
N THR A 139 0.37 -0.96 34.41
CA THR A 139 1.54 -0.30 34.99
C THR A 139 1.11 0.56 36.15
N THR A 140 2.09 0.94 36.97
CA THR A 140 1.86 1.65 38.20
C THR A 140 2.29 3.09 38.01
N ASP A 141 1.92 3.97 38.94
CA ASP A 141 2.26 5.39 38.85
C ASP A 141 3.67 5.70 38.33
N PHE A 142 4.68 4.94 38.73
CA PHE A 142 6.05 5.30 38.37
C PHE A 142 6.37 4.94 36.92
N GLN A 143 5.54 4.12 36.27
CA GLN A 143 5.75 3.75 34.85
C GLN A 143 4.77 4.48 33.96
N ARG A 144 4.00 5.35 34.58
CA ARG A 144 2.92 6.11 33.94
C ARG A 144 3.20 7.60 33.86
N ALA A 145 4.18 8.09 34.59
CA ALA A 145 4.50 9.54 34.59
C ALA A 145 4.84 9.93 33.18
N ASP A 146 5.48 9.01 32.45
CA ASP A 146 5.87 9.24 31.06
C ASP A 146 4.73 9.39 30.05
N ASP A 147 3.53 9.01 30.45
CA ASP A 147 2.47 8.75 29.52
C ASP A 147 1.46 9.88 29.45
N LYS A 148 1.66 10.92 30.25
CA LYS A 148 0.76 12.05 30.26
C LYS A 148 1.53 13.25 30.89
N VAL A 149 2.25 14.00 30.06
CA VAL A 149 3.03 15.14 30.53
C VAL A 149 2.13 16.35 30.45
N TYR A 150 1.69 16.82 31.61
CA TYR A 150 0.77 17.96 31.69
C TYR A 150 1.43 19.30 31.31
N PRO A 151 0.61 20.32 31.01
CA PRO A 151 1.16 21.66 30.79
C PRO A 151 2.08 22.14 31.90
N GLY A 152 3.26 22.63 31.50
CA GLY A 152 4.26 23.13 32.44
C GLY A 152 5.08 22.04 33.10
N GLU A 153 4.75 20.79 32.82
CA GLU A 153 5.42 19.64 33.39
C GLU A 153 6.57 19.23 32.48
N GLN A 154 7.54 18.51 33.03
CA GLN A 154 8.78 18.18 32.33
C GLN A 154 9.14 16.71 32.62
N TYR A 155 9.52 15.96 31.61
CA TYR A 155 9.88 14.54 31.81
C TYR A 155 11.03 14.20 30.90
N THR A 156 11.95 13.40 31.41
CA THR A 156 13.15 13.12 30.65
C THR A 156 13.25 11.61 30.36
N TYR A 157 13.15 11.30 29.08
CA TYR A 157 13.07 9.97 28.59
C TYR A 157 14.44 9.34 28.32
N MET A 158 14.67 8.12 28.81
CA MET A 158 15.91 7.35 28.59
C MET A 158 15.65 6.36 27.49
N LEU A 159 16.45 6.49 26.41
CA LEU A 159 16.37 5.60 25.25
C LEU A 159 17.73 4.96 25.02
N LEU A 160 17.71 3.68 24.70
CA LEU A 160 18.95 2.97 24.48
C LEU A 160 18.87 2.35 23.09
N ALA A 161 19.87 2.67 22.25
CA ALA A 161 20.01 2.12 20.90
C ALA A 161 20.73 0.78 20.97
N THR A 162 19.92 -0.28 21.00
CA THR A 162 20.42 -1.62 21.10
C THR A 162 20.70 -2.23 19.73
N GLU A 163 21.43 -3.35 19.77
CA GLU A 163 21.65 -4.21 18.60
C GLU A 163 20.34 -4.72 18.01
N GLU A 164 19.47 -5.25 18.85
CA GLU A 164 18.15 -5.67 18.41
C GLU A 164 17.48 -4.65 17.52
N GLN A 165 17.66 -3.37 17.82
CA GLN A 165 16.96 -2.34 17.04
C GLN A 165 17.83 -1.76 15.97
N SER A 166 19.04 -2.27 15.79
CA SER A 166 19.95 -1.64 14.84
C SER A 166 19.48 -1.89 13.43
N PRO A 167 19.95 -1.08 12.50
CA PRO A 167 19.71 -1.43 11.10
C PRO A 167 20.29 -2.80 10.80
N GLY A 168 19.61 -3.57 9.96
CA GLY A 168 20.05 -4.91 9.67
C GLY A 168 21.26 -4.93 8.75
N GLU A 169 21.87 -6.09 8.64
CA GLU A 169 23.02 -6.26 7.76
C GLU A 169 22.70 -5.82 6.33
N GLY A 170 21.48 -6.01 5.87
CA GLY A 170 21.13 -5.62 4.50
C GLY A 170 20.64 -4.19 4.35
N ASP A 171 20.58 -3.43 5.45
CA ASP A 171 20.19 -2.03 5.40
C ASP A 171 21.45 -1.15 5.28
N GLY A 172 21.23 0.13 5.00
CA GLY A 172 22.31 1.08 4.98
C GLY A 172 22.80 1.41 6.38
N ASN A 173 23.74 2.31 6.46
CA ASN A 173 24.19 2.73 7.75
C ASN A 173 23.07 3.36 8.58
N CYS A 174 22.11 4.06 7.95
CA CYS A 174 21.04 4.71 8.75
C CYS A 174 19.63 4.42 8.24
N VAL A 175 18.67 4.25 9.14
CA VAL A 175 17.27 4.04 8.73
C VAL A 175 16.38 5.09 9.35
N THR A 176 15.19 5.21 8.79
CA THR A 176 14.32 6.27 9.22
C THR A 176 13.39 5.73 10.32
N ARG A 177 13.35 6.43 11.44
CA ARG A 177 12.38 6.12 12.52
C ARG A 177 11.71 7.45 12.92
N ILE A 178 10.59 7.36 13.62
CA ILE A 178 9.82 8.55 13.99
C ILE A 178 9.58 8.60 15.48
N TYR A 179 9.18 9.78 15.94
CA TYR A 179 8.64 9.95 17.28
C TYR A 179 7.44 10.87 17.22
N HIS A 180 6.46 10.63 18.10
CA HIS A 180 5.24 11.42 18.15
C HIS A 180 4.60 11.36 19.53
N SER A 181 3.63 12.22 19.78
CA SER A 181 2.89 12.15 21.03
C SER A 181 1.85 11.00 20.94
N HIS A 182 1.56 10.35 22.07
CA HIS A 182 0.77 9.09 22.06
C HIS A 182 -0.21 9.03 23.24
N ILE A 183 -1.06 10.06 23.31
CA ILE A 183 -2.21 10.04 24.19
C ILE A 183 -3.36 9.56 23.31
N ASP A 184 -3.78 10.42 22.38
CA ASP A 184 -4.51 9.97 21.18
C ASP A 184 -3.58 10.27 19.98
N ALA A 185 -2.81 9.28 19.59
CA ALA A 185 -1.73 9.51 18.63
C ALA A 185 -2.24 10.17 17.38
N PRO A 186 -3.28 9.61 16.76
CA PRO A 186 -3.81 10.26 15.57
C PRO A 186 -4.04 11.76 15.73
N LYS A 187 -4.75 12.16 16.79
CA LYS A 187 -5.06 13.56 17.01
C LYS A 187 -3.83 14.36 17.43
N ASP A 188 -2.92 13.74 18.15
CA ASP A 188 -1.72 14.43 18.59
C ASP A 188 -0.85 14.75 17.41
N ILE A 189 -0.73 13.76 16.52
CA ILE A 189 0.07 13.88 15.29
C ILE A 189 -0.56 14.84 14.30
N ALA A 190 -1.88 14.80 14.18
CA ALA A 190 -2.59 15.73 13.32
C ALA A 190 -2.35 17.13 13.84
N SER A 191 -2.25 17.24 15.15
CA SER A 191 -2.02 18.54 15.75
C SER A 191 -0.60 19.05 15.52
N GLY A 192 0.34 18.15 15.20
CA GLY A 192 1.69 18.58 14.80
C GLY A 192 2.87 17.92 15.49
N LEU A 193 2.61 17.04 16.44
CA LEU A 193 3.66 16.45 17.22
C LEU A 193 4.12 15.18 16.54
N ILE A 194 4.95 15.34 15.52
CA ILE A 194 5.61 14.22 14.85
C ILE A 194 6.98 14.69 14.42
N GLY A 195 7.98 13.84 14.61
CA GLY A 195 9.32 14.20 14.18
C GLY A 195 10.11 12.97 13.80
N PRO A 196 11.35 13.18 13.34
CA PRO A 196 12.20 12.12 12.86
C PRO A 196 13.30 11.71 13.82
N LEU A 197 13.52 10.41 13.90
CA LEU A 197 14.56 9.78 14.69
C LEU A 197 15.32 8.85 13.74
N ILE A 198 16.56 9.19 13.40
CA ILE A 198 17.41 8.42 12.52
C ILE A 198 18.36 7.55 13.33
N ILE A 199 18.27 6.25 13.10
CA ILE A 199 19.01 5.26 13.83
C ILE A 199 20.06 4.73 12.89
N CYS A 200 21.29 4.58 13.38
CA CYS A 200 22.45 4.28 12.57
C CYS A 200 23.28 3.16 13.17
N LYS A 201 24.07 2.46 12.35
CA LYS A 201 25.02 1.44 12.86
C LYS A 201 26.14 2.23 13.49
N LYS A 202 26.93 1.64 14.36
CA LYS A 202 28.20 2.28 14.77
C LYS A 202 29.32 1.83 13.84
N ASP A 203 30.45 2.53 13.75
CA ASP A 203 30.69 3.91 14.12
C ASP A 203 30.52 4.65 12.78
N SER A 204 29.27 4.76 12.32
CA SER A 204 29.01 5.22 10.96
C SER A 204 28.67 6.70 10.87
N LEU A 205 28.53 7.34 12.02
CA LEU A 205 28.27 8.78 12.08
C LEU A 205 29.55 9.55 12.45
N ASP A 206 29.70 10.75 11.89
CA ASP A 206 30.81 11.71 12.23
C ASP A 206 30.27 13.15 12.34
N LYS A 207 30.35 13.73 13.53
CA LYS A 207 29.70 15.03 13.82
C LYS A 207 28.23 15.03 13.32
N GLU A 208 27.38 14.16 13.88
CA GLU A 208 25.94 14.14 13.57
C GLU A 208 25.56 13.95 12.07
N LYS A 209 26.52 13.60 11.22
CA LYS A 209 26.27 13.31 9.79
C LYS A 209 27.01 12.06 9.33
N GLU A 210 26.43 11.37 8.36
CA GLU A 210 26.94 10.06 7.92
C GLU A 210 28.13 10.20 6.97
N LYS A 211 29.09 9.29 7.13
CA LYS A 211 30.48 9.49 6.74
C LYS A 211 30.80 9.71 5.26
N HIS A 212 29.98 9.21 4.35
CA HIS A 212 30.28 9.50 2.94
C HIS A 212 29.04 9.91 2.20
N ILE A 213 28.33 10.83 2.84
CA ILE A 213 27.07 11.32 2.38
C ILE A 213 27.21 12.81 2.47
N ASP A 214 26.75 13.51 1.45
CA ASP A 214 26.88 14.96 1.41
C ASP A 214 25.61 15.62 1.95
N ARG A 215 24.47 14.96 1.78
CA ARG A 215 23.20 15.56 2.08
C ARG A 215 22.25 14.57 2.71
N GLU A 216 21.61 15.00 3.80
CA GLU A 216 20.56 14.22 4.45
C GLU A 216 19.30 15.08 4.47
N PHE A 217 18.23 14.52 3.91
CA PHE A 217 16.90 15.13 3.97
C PHE A 217 15.88 14.13 4.51
N VAL A 218 14.85 14.67 5.15
CA VAL A 218 13.76 13.89 5.69
C VAL A 218 12.49 14.43 5.11
N VAL A 219 11.61 13.54 4.67
CA VAL A 219 10.42 13.97 4.01
C VAL A 219 9.21 13.12 4.42
N MET A 220 8.33 13.77 5.17
CA MET A 220 7.07 13.18 5.55
C MET A 220 6.06 13.56 4.52
N PHE A 221 5.51 12.56 3.86
CA PHE A 221 4.33 12.69 3.01
C PHE A 221 3.05 12.42 3.81
N SER A 222 2.12 13.36 3.81
CA SER A 222 0.88 13.18 4.53
C SER A 222 -0.20 14.15 4.13
N VAL A 223 -1.42 13.64 4.04
CA VAL A 223 -2.62 14.47 4.01
C VAL A 223 -2.89 14.91 5.46
N VAL A 224 -2.21 15.98 5.88
CA VAL A 224 -2.33 16.48 7.23
C VAL A 224 -3.75 17.00 7.49
N ASP A 225 -4.46 16.30 8.40
CA ASP A 225 -5.89 16.45 8.56
C ASP A 225 -6.23 17.29 9.77
N GLU A 226 -6.34 18.60 9.54
CA GLU A 226 -6.69 19.58 10.57
C GLU A 226 -8.07 19.36 11.20
N ASN A 227 -8.95 18.61 10.55
CA ASN A 227 -10.22 18.21 11.19
C ASN A 227 -10.03 17.40 12.48
N PHE A 228 -8.91 16.68 12.56
CA PHE A 228 -8.57 15.85 13.72
C PHE A 228 -7.71 16.58 14.74
N SER A 229 -7.27 17.81 14.46
CA SER A 229 -6.44 18.52 15.43
C SER A 229 -7.21 18.83 16.72
N TRP A 230 -6.48 18.92 17.82
CA TRP A 230 -7.03 19.37 19.09
C TRP A 230 -7.38 20.85 19.02
N TYR A 231 -6.86 21.54 18.01
CA TYR A 231 -7.03 22.99 17.86
C TYR A 231 -8.06 23.40 16.78
N LEU A 232 -8.91 22.49 16.36
CA LEU A 232 -9.87 22.81 15.32
C LEU A 232 -10.73 23.96 15.74
N GLU A 233 -11.39 23.84 16.88
CA GLU A 233 -12.34 24.86 17.33
C GLU A 233 -11.64 26.20 17.54
N ASP A 234 -10.44 26.18 18.09
CA ASP A 234 -9.63 27.40 18.25
C ASP A 234 -9.37 28.08 16.89
N ASN A 235 -9.10 27.25 15.88
CA ASN A 235 -8.83 27.70 14.53
C ASN A 235 -10.08 28.24 13.84
N ILE A 236 -11.21 27.53 13.96
CA ILE A 236 -12.50 28.05 13.47
C ILE A 236 -12.86 29.36 14.13
N LYS A 237 -12.69 29.42 15.44
CA LYS A 237 -13.02 30.62 16.23
C LYS A 237 -12.14 31.79 15.78
N THR A 238 -10.85 31.52 15.58
CA THR A 238 -9.91 32.58 15.21
C THR A 238 -10.12 33.16 13.81
N TYR A 239 -10.23 32.29 12.79
CA TYR A 239 -10.14 32.72 11.38
C TYR A 239 -11.46 32.79 10.63
N CYS A 240 -12.38 31.85 10.89
CA CYS A 240 -13.68 31.89 10.22
C CYS A 240 -14.52 33.07 10.73
N SER A 241 -14.70 34.09 9.89
CA SER A 241 -15.42 35.30 10.30
C SER A 241 -16.93 35.09 10.54
N GLU A 242 -17.45 33.91 10.21
CA GLU A 242 -18.79 33.49 10.63
C GLU A 242 -18.73 32.07 11.23
N PRO A 243 -18.28 31.95 12.49
CA PRO A 243 -18.18 30.65 13.16
C PRO A 243 -19.52 29.91 13.34
N GLU A 244 -20.61 30.66 13.42
CA GLU A 244 -21.95 30.10 13.64
C GLU A 244 -22.38 29.24 12.45
N LYS A 245 -22.05 29.73 11.25
CA LYS A 245 -22.47 29.07 10.03
C LYS A 245 -21.58 27.89 9.61
N VAL A 246 -20.65 27.42 10.46
CA VAL A 246 -19.80 26.25 10.07
C VAL A 246 -20.35 24.93 10.59
N ASP A 247 -20.37 23.94 9.71
CA ASP A 247 -20.82 22.61 10.04
C ASP A 247 -19.61 21.70 9.98
N LYS A 248 -19.07 21.33 11.14
CA LYS A 248 -17.85 20.51 11.19
C LYS A 248 -17.95 19.23 10.35
N ASP A 249 -19.17 18.75 10.11
CA ASP A 249 -19.41 17.50 9.37
C ASP A 249 -19.85 17.70 7.90
N ASN A 250 -19.94 18.94 7.43
CA ASN A 250 -20.11 19.21 6.02
C ASN A 250 -18.87 18.72 5.25
N GLU A 251 -19.07 18.02 4.14
CA GLU A 251 -17.96 17.29 3.53
C GLU A 251 -16.95 18.22 2.86
N ASP A 252 -17.44 19.30 2.23
CA ASP A 252 -16.54 20.27 1.60
C ASP A 252 -15.67 21.02 2.60
N PHE A 253 -16.22 21.25 3.79
CA PHE A 253 -15.49 21.97 4.82
C PHE A 253 -14.35 21.11 5.29
N GLN A 254 -14.63 19.82 5.45
CA GLN A 254 -13.58 18.89 5.80
C GLN A 254 -12.48 18.93 4.76
N GLU A 255 -12.82 18.86 3.48
CA GLU A 255 -11.77 18.88 2.44
C GLU A 255 -10.86 20.06 2.65
N SER A 256 -11.44 21.24 2.89
CA SER A 256 -10.66 22.47 2.93
C SER A 256 -9.63 22.48 4.06
N ASN A 257 -9.78 21.53 5.00
CA ASN A 257 -8.80 21.34 6.08
C ASN A 257 -7.84 20.16 5.88
N ARG A 258 -8.03 19.43 4.79
CA ARG A 258 -7.07 18.37 4.42
C ARG A 258 -5.92 19.00 3.64
N MET A 259 -4.77 19.18 4.29
CA MET A 259 -3.59 19.79 3.71
C MET A 259 -2.59 18.73 3.22
N TYR A 260 -2.60 18.54 1.91
CA TYR A 260 -1.80 17.56 1.23
C TYR A 260 -0.40 18.12 1.13
N SER A 261 0.53 17.56 1.87
CA SER A 261 1.75 18.27 2.17
C SER A 261 2.96 17.36 2.20
N VAL A 262 4.15 17.93 2.05
CA VAL A 262 5.36 17.22 2.45
C VAL A 262 5.97 18.07 3.55
N ASN A 263 6.23 17.47 4.70
CA ASN A 263 6.66 18.26 5.86
C ASN A 263 5.73 19.44 6.18
N GLY A 264 4.45 19.30 5.92
CA GLY A 264 3.49 20.35 6.16
C GLY A 264 3.48 21.48 5.13
N TYR A 265 4.15 21.29 3.99
CA TYR A 265 4.10 22.27 2.89
C TYR A 265 3.20 21.82 1.74
N THR A 266 2.34 22.73 1.30
CA THR A 266 1.41 22.46 0.23
C THR A 266 1.84 23.19 -1.07
N PHE A 267 1.18 22.82 -2.15
CA PHE A 267 1.28 23.51 -3.44
C PHE A 267 2.67 24.10 -3.76
N GLY A 268 3.71 23.27 -3.67
CA GLY A 268 5.05 23.61 -4.14
C GLY A 268 5.91 24.41 -3.17
N SER A 269 5.30 24.89 -2.10
CA SER A 269 5.95 25.83 -1.22
C SER A 269 7.02 25.25 -0.31
N LEU A 270 7.29 23.95 -0.36
CA LEU A 270 8.43 23.42 0.37
C LEU A 270 9.68 24.11 -0.19
N PRO A 271 10.40 24.87 0.67
CA PRO A 271 11.64 25.52 0.27
C PRO A 271 12.83 24.76 0.86
N GLY A 272 14.02 25.02 0.36
CA GLY A 272 15.26 24.50 0.96
C GLY A 272 15.85 23.23 0.37
N LEU A 273 15.11 22.54 -0.51
CA LEU A 273 15.62 21.31 -1.09
C LEU A 273 16.61 21.61 -2.23
N SER A 274 17.80 22.06 -1.88
CA SER A 274 18.81 22.38 -2.86
C SER A 274 20.02 21.46 -2.68
N MET A 275 20.62 21.05 -3.80
CA MET A 275 21.81 20.21 -3.76
C MET A 275 22.62 20.45 -5.02
N CYS A 276 23.79 19.83 -5.08
CA CYS A 276 24.66 19.97 -6.25
C CYS A 276 24.58 18.76 -7.16
N ALA A 277 24.98 18.95 -8.41
CA ALA A 277 25.27 17.82 -9.27
C ALA A 277 26.33 16.98 -8.55
N GLU A 278 26.13 15.67 -8.55
CA GLU A 278 27.14 14.74 -8.04
C GLU A 278 26.97 14.40 -6.56
N ASP A 279 26.36 15.30 -5.82
CA ASP A 279 26.20 15.11 -4.38
C ASP A 279 25.59 13.74 -4.08
N ARG A 280 26.14 13.07 -3.07
CA ARG A 280 25.62 11.81 -2.57
C ARG A 280 24.56 12.14 -1.51
N VAL A 281 23.30 11.82 -1.80
CA VAL A 281 22.17 12.21 -0.93
C VAL A 281 21.46 10.99 -0.36
N LYS A 282 21.13 11.09 0.92
CA LYS A 282 20.32 10.09 1.60
C LYS A 282 18.96 10.75 1.88
N TRP A 283 17.87 10.10 1.46
CA TRP A 283 16.51 10.57 1.79
C TRP A 283 15.86 9.65 2.79
N TYR A 284 15.31 10.26 3.83
CA TYR A 284 14.58 9.53 4.85
C TYR A 284 13.12 9.89 4.66
N LEU A 285 12.33 8.92 4.19
CA LEU A 285 10.95 9.19 3.90
C LEU A 285 10.02 8.44 4.86
N PHE A 286 8.91 9.07 5.18
CA PHE A 286 7.80 8.34 5.75
C PHE A 286 6.44 8.88 5.37
N GLY A 287 5.44 8.01 5.49
CA GLY A 287 4.05 8.40 5.34
C GLY A 287 3.44 8.55 6.71
N MET A 288 2.27 9.20 6.74
CA MET A 288 1.54 9.37 7.96
C MET A 288 0.11 9.73 7.66
N GLY A 289 -0.83 9.12 8.41
CA GLY A 289 -2.23 9.54 8.41
C GLY A 289 -3.23 8.40 8.34
N ASN A 290 -4.14 8.45 7.36
CA ASN A 290 -5.37 7.67 7.35
C ASN A 290 -5.47 6.87 6.06
N GLU A 291 -6.64 6.26 5.81
CA GLU A 291 -6.91 5.46 4.60
C GLU A 291 -6.65 6.18 3.27
N VAL A 292 -6.78 7.49 3.25
CA VAL A 292 -6.48 8.24 2.03
C VAL A 292 -5.00 8.47 1.85
N ASP A 293 -4.16 8.12 2.84
CA ASP A 293 -2.70 8.29 2.69
C ASP A 293 -2.03 7.11 1.98
N VAL A 294 -2.42 6.94 0.73
CA VAL A 294 -1.77 6.03 -0.17
C VAL A 294 -0.92 6.89 -1.06
N HIS A 295 0.37 6.99 -0.71
CA HIS A 295 1.25 7.88 -1.45
C HIS A 295 2.16 7.16 -2.42
N ALA A 296 2.64 7.94 -3.42
CA ALA A 296 3.66 7.48 -4.39
C ALA A 296 4.69 8.55 -4.63
N ALA A 297 5.70 8.60 -3.77
CA ALA A 297 6.71 9.66 -3.81
C ALA A 297 7.54 9.55 -5.09
N PHE A 298 7.71 10.65 -5.81
CA PHE A 298 8.39 10.52 -7.10
C PHE A 298 9.33 11.65 -7.35
N PHE A 299 10.59 11.32 -7.53
CA PHE A 299 11.61 12.33 -7.81
C PHE A 299 11.79 12.44 -9.31
N HIS A 300 11.11 13.40 -9.95
CA HIS A 300 11.24 13.61 -11.40
C HIS A 300 12.71 13.73 -11.90
N GLY A 301 13.57 14.11 -10.97
CA GLY A 301 15.01 14.00 -11.14
C GLY A 301 15.28 13.10 -12.33
N GLN A 302 16.01 11.99 -12.13
CA GLN A 302 16.56 11.58 -10.83
C GLN A 302 16.38 10.07 -10.60
N ALA A 303 17.47 9.36 -10.25
CA ALA A 303 17.39 7.93 -10.01
C ALA A 303 17.90 7.63 -8.60
N LEU A 304 17.18 6.70 -7.94
CA LEU A 304 17.50 6.27 -6.58
C LEU A 304 17.81 4.73 -6.50
N THR A 305 18.47 4.33 -5.41
CA THR A 305 18.48 2.94 -4.97
C THR A 305 17.80 2.86 -3.59
N ASN A 306 17.15 1.73 -3.34
CA ASN A 306 16.73 1.29 -2.02
C ASN A 306 17.17 -0.16 -1.83
N LYS A 307 17.98 -0.42 -0.81
CA LYS A 307 18.48 -1.76 -0.50
C LYS A 307 19.29 -2.35 -1.67
N ASN A 308 20.05 -1.48 -2.34
CA ASN A 308 20.85 -1.83 -3.54
C ASN A 308 20.02 -2.26 -4.76
N TYR A 309 18.75 -1.91 -4.77
CA TYR A 309 17.86 -2.18 -5.92
C TYR A 309 17.53 -0.86 -6.54
N ARG A 310 17.40 -0.83 -7.85
CA ARG A 310 16.98 0.37 -8.53
C ARG A 310 15.51 0.56 -8.26
N ILE A 311 15.16 1.74 -7.81
CA ILE A 311 13.79 2.18 -7.83
C ILE A 311 13.70 3.65 -8.14
N ASP A 312 12.50 4.04 -8.49
CA ASP A 312 12.10 5.43 -8.57
C ASP A 312 10.62 5.27 -8.26
N THR A 313 10.09 5.97 -7.27
CA THR A 313 8.65 5.91 -6.96
C THR A 313 8.27 5.71 -5.46
N ILE A 314 8.83 4.70 -4.81
CA ILE A 314 8.56 4.49 -3.40
C ILE A 314 7.12 4.84 -3.04
N ASN A 315 6.46 3.89 -2.39
CA ASN A 315 5.10 4.01 -1.96
C ASN A 315 5.14 4.17 -0.45
N LEU A 316 4.38 5.10 0.10
CA LEU A 316 4.41 5.34 1.53
C LEU A 316 2.98 5.28 2.05
N PHE A 317 2.81 4.74 3.24
CA PHE A 317 1.49 4.69 3.91
C PHE A 317 1.69 5.12 5.34
N PRO A 318 0.63 5.18 6.14
CA PRO A 318 0.76 5.71 7.48
C PRO A 318 1.78 4.99 8.34
N ALA A 319 2.94 5.62 8.53
CA ALA A 319 3.97 5.09 9.41
C ALA A 319 5.03 4.32 8.64
N THR A 320 4.85 4.19 7.31
CA THR A 320 5.82 3.47 6.52
C THR A 320 7.17 4.18 6.66
N LEU A 321 8.20 3.44 7.01
CA LEU A 321 9.53 3.99 7.17
C LEU A 321 10.43 3.52 6.02
N PHE A 322 11.12 4.45 5.38
CA PHE A 322 11.82 4.13 4.14
C PHE A 322 13.01 5.04 4.01
N ASP A 323 14.07 4.51 3.43
CA ASP A 323 15.23 5.29 3.14
C ASP A 323 15.77 5.00 1.73
N ALA A 324 16.47 5.96 1.12
CA ALA A 324 16.88 5.88 -0.29
C ALA A 324 18.13 6.72 -0.56
N TYR A 325 18.85 6.32 -1.59
CA TYR A 325 20.16 6.86 -1.90
C TYR A 325 20.14 7.39 -3.32
N MET A 326 20.69 8.58 -3.50
CA MET A 326 20.60 9.27 -4.76
C MET A 326 21.90 9.99 -4.97
N VAL A 327 22.53 9.69 -6.11
CA VAL A 327 23.59 10.54 -6.64
C VAL A 327 22.82 11.49 -7.54
N ALA A 328 22.69 12.74 -7.07
CA ALA A 328 21.99 13.78 -7.80
C ALA A 328 22.73 14.01 -9.11
N GLN A 329 21.96 14.13 -10.18
CA GLN A 329 22.51 14.23 -11.52
C GLN A 329 21.56 15.12 -12.35
N ASN A 330 21.94 15.42 -13.60
CA ASN A 330 20.95 15.90 -14.57
C ASN A 330 20.44 17.26 -14.12
N PRO A 331 21.36 18.23 -13.94
CA PRO A 331 21.12 19.50 -13.24
C PRO A 331 19.94 20.35 -13.72
N GLY A 332 19.18 20.87 -12.75
CA GLY A 332 18.13 21.85 -13.00
C GLY A 332 17.06 21.86 -11.92
N GLU A 333 15.88 22.29 -12.32
CA GLU A 333 14.77 22.50 -11.43
C GLU A 333 13.81 21.35 -11.59
N TRP A 334 13.66 20.57 -10.53
CA TRP A 334 12.88 19.31 -10.58
C TRP A 334 11.72 19.29 -9.59
N MET A 335 10.80 18.37 -9.82
CA MET A 335 9.62 18.19 -8.96
C MET A 335 9.81 16.92 -8.17
N LEU A 336 9.44 17.00 -6.90
CA LEU A 336 9.19 15.83 -6.06
C LEU A 336 7.68 15.81 -5.87
N SER A 337 7.03 14.73 -6.26
CA SER A 337 5.58 14.71 -6.20
C SER A 337 5.00 13.35 -5.82
N CYS A 338 3.73 13.37 -5.47
CA CYS A 338 2.96 12.17 -5.23
C CYS A 338 2.16 11.83 -6.48
N GLN A 339 2.26 10.59 -6.93
CA GLN A 339 1.66 10.21 -8.20
C GLN A 339 0.31 9.58 -8.02
N ASN A 340 -0.15 9.51 -6.76
CA ASN A 340 -1.57 9.36 -6.47
C ASN A 340 -2.24 10.54 -7.12
N LEU A 341 -3.06 10.27 -8.12
CA LEU A 341 -3.56 11.34 -8.94
C LEU A 341 -4.46 12.26 -8.17
N ASN A 342 -5.26 11.73 -7.26
CA ASN A 342 -6.04 12.61 -6.36
C ASN A 342 -5.18 13.55 -5.53
N HIS A 343 -4.02 13.04 -5.07
CA HIS A 343 -3.03 13.86 -4.34
C HIS A 343 -2.32 14.87 -5.22
N LEU A 344 -1.84 14.42 -6.38
CA LEU A 344 -1.11 15.30 -7.29
C LEU A 344 -1.94 16.55 -7.54
N LYS A 345 -3.25 16.34 -7.72
CA LYS A 345 -4.14 17.41 -8.14
C LYS A 345 -4.65 18.27 -6.98
N ALA A 346 -4.34 17.83 -5.76
CA ALA A 346 -4.53 18.64 -4.54
C ALA A 346 -3.21 19.29 -4.12
N GLY A 347 -2.19 19.12 -4.94
CA GLY A 347 -0.93 19.83 -4.80
C GLY A 347 0.16 19.16 -4.00
N LEU A 348 0.17 17.84 -3.89
CA LEU A 348 1.24 17.20 -3.11
C LEU A 348 2.58 17.21 -3.91
N GLN A 349 3.24 18.36 -3.88
CA GLN A 349 4.34 18.65 -4.80
C GLN A 349 5.33 19.55 -4.11
N ALA A 350 6.60 19.20 -4.17
CA ALA A 350 7.68 20.07 -3.73
C ALA A 350 8.72 20.09 -4.83
N PHE A 351 9.31 21.26 -5.04
CA PHE A 351 10.44 21.44 -5.93
C PHE A 351 11.73 21.16 -5.19
N PHE A 352 12.72 20.70 -5.94
CA PHE A 352 14.10 20.65 -5.48
C PHE A 352 14.98 21.04 -6.63
N GLN A 353 16.19 21.45 -6.31
CA GLN A 353 17.08 21.80 -7.39
C GLN A 353 18.46 21.19 -7.25
N VAL A 354 18.97 20.81 -8.42
CA VAL A 354 20.33 20.34 -8.58
C VAL A 354 21.07 21.38 -9.39
N GLN A 355 21.96 22.10 -8.72
CA GLN A 355 22.79 23.10 -9.39
C GLN A 355 24.13 22.51 -9.79
N GLU A 356 24.80 23.14 -10.76
CA GLU A 356 26.16 22.77 -11.08
C GLU A 356 27.13 23.52 -10.16
N CYS A 357 28.08 22.79 -9.56
CA CYS A 357 29.00 23.35 -8.54
C CYS A 357 30.54 23.18 -8.70
N ASN A 358 31.10 22.68 -9.81
CA ASN A 358 30.47 22.53 -11.11
C ASN A 358 30.12 21.06 -11.34
N LYS A 359 31.15 20.29 -11.68
CA LYS A 359 31.07 18.82 -11.79
C LYS A 359 30.90 18.18 -10.41
N SER A 360 31.99 17.71 -9.82
CA SER A 360 33.29 17.72 -10.48
C SER A 360 33.75 16.29 -10.73
N SER A 361 32.82 15.44 -11.15
CA SER A 361 33.12 14.02 -11.36
C SER A 361 33.13 13.64 -12.84
N SER A 362 32.42 12.56 -13.16
CA SER A 362 32.38 12.05 -14.55
C SER A 362 31.49 10.76 -14.63
N LYS A 363 31.59 10.01 -15.73
CA LYS A 363 30.75 8.82 -15.94
C LYS A 363 29.92 8.82 -17.24
N ASP A 364 29.17 7.73 -17.47
CA ASP A 364 28.29 7.57 -18.70
C ASP A 364 27.60 8.89 -19.17
N ASN A 365 27.84 9.54 -20.35
CA ASN A 365 28.82 9.31 -21.50
C ASN A 365 28.18 8.83 -22.83
N ILE A 366 27.59 7.63 -22.81
CA ILE A 366 26.76 7.02 -23.91
C ILE A 366 25.52 7.85 -24.36
N ARG A 367 25.64 8.56 -25.49
CA ARG A 367 24.55 9.38 -26.08
C ARG A 367 24.70 9.46 -27.62
N GLY A 368 23.88 8.67 -28.31
CA GLY A 368 23.95 8.54 -29.77
C GLY A 368 24.59 7.28 -30.33
N LYS A 369 24.94 6.31 -29.47
CA LYS A 369 25.71 5.08 -29.88
C LYS A 369 24.89 3.81 -30.33
N HIS A 370 24.02 3.28 -29.44
CA HIS A 370 22.94 2.32 -29.78
C HIS A 370 21.60 3.06 -29.71
N VAL A 371 20.95 3.27 -30.85
CA VAL A 371 19.72 4.06 -30.91
C VAL A 371 18.53 3.20 -31.30
N ARG A 372 17.53 3.11 -30.42
CA ARG A 372 16.25 2.46 -30.71
C ARG A 372 15.27 3.57 -31.04
N HIS A 373 14.45 3.35 -32.05
CA HIS A 373 13.71 4.42 -32.68
C HIS A 373 12.27 3.95 -32.69
N TYR A 374 11.41 4.55 -31.89
CA TYR A 374 10.00 4.18 -31.89
C TYR A 374 9.17 5.27 -32.56
N TYR A 375 8.04 4.86 -33.14
CA TYR A 375 7.14 5.81 -33.80
C TYR A 375 5.77 5.51 -33.26
N ILE A 376 5.26 6.41 -32.42
CA ILE A 376 4.03 6.15 -31.69
C ILE A 376 3.05 7.27 -31.90
N ALA A 377 1.82 6.90 -32.22
CA ALA A 377 0.75 7.87 -32.36
C ALA A 377 -0.32 7.74 -31.30
N ALA A 378 -0.88 8.86 -30.89
CA ALA A 378 -2.08 8.86 -30.05
C ALA A 378 -3.30 8.91 -30.97
N GLU A 379 -4.30 8.04 -30.76
CA GLU A 379 -5.50 8.01 -31.63
C GLU A 379 -6.80 7.49 -30.97
N GLU A 380 -7.94 7.94 -31.48
CA GLU A 380 -9.23 7.72 -30.82
C GLU A 380 -9.81 6.41 -31.33
N ILE A 381 -10.15 5.52 -30.38
CA ILE A 381 -10.90 4.29 -30.67
C ILE A 381 -12.12 4.15 -29.74
N ILE A 382 -13.05 3.26 -30.10
CA ILE A 382 -14.12 2.80 -29.21
C ILE A 382 -13.68 1.49 -28.60
N TRP A 383 -13.30 1.55 -27.32
CA TRP A 383 -12.81 0.40 -26.57
C TRP A 383 -13.92 -0.25 -25.79
N ASN A 384 -14.19 -1.51 -26.11
CA ASN A 384 -15.12 -2.31 -25.33
C ASN A 384 -14.31 -3.02 -24.27
N TYR A 385 -14.70 -2.83 -23.01
CA TYR A 385 -13.99 -3.46 -21.90
C TYR A 385 -14.36 -4.92 -21.73
N ALA A 386 -15.40 -5.38 -22.41
CA ALA A 386 -15.74 -6.80 -22.41
C ALA A 386 -16.44 -7.24 -23.71
N PRO A 387 -15.64 -7.52 -24.76
CA PRO A 387 -16.18 -7.87 -26.08
C PRO A 387 -17.13 -9.06 -26.12
N SER A 388 -16.86 -10.13 -25.40
CA SER A 388 -17.78 -11.26 -25.40
C SER A 388 -19.20 -10.88 -24.94
N GLY A 389 -19.32 -9.86 -24.09
CA GLY A 389 -20.60 -9.53 -23.49
C GLY A 389 -20.98 -10.41 -22.30
N ILE A 390 -20.12 -11.37 -21.95
CA ILE A 390 -20.35 -12.20 -20.79
C ILE A 390 -19.18 -12.18 -19.82
N ASP A 391 -19.45 -12.69 -18.62
CA ASP A 391 -18.45 -12.94 -17.61
C ASP A 391 -17.96 -14.35 -17.83
N ILE A 392 -16.69 -14.47 -18.26
CA ILE A 392 -16.09 -15.76 -18.60
C ILE A 392 -16.05 -16.75 -17.40
N PHE A 393 -15.92 -16.25 -16.18
CA PHE A 393 -15.85 -17.13 -15.00
C PHE A 393 -17.20 -17.77 -14.67
N THR A 394 -18.29 -17.08 -14.95
CA THR A 394 -19.61 -17.53 -14.46
C THR A 394 -20.54 -17.86 -15.62
N LYS A 395 -20.11 -17.50 -16.84
CA LYS A 395 -20.91 -17.65 -18.06
C LYS A 395 -22.18 -16.78 -18.05
N GLU A 396 -22.26 -15.85 -17.12
CA GLU A 396 -23.46 -15.03 -16.98
C GLU A 396 -23.37 -13.81 -17.91
N ASN A 397 -24.49 -13.44 -18.50
CA ASN A 397 -24.60 -12.25 -19.30
C ASN A 397 -24.28 -11.01 -18.42
N LEU A 398 -23.37 -10.16 -18.85
CA LEU A 398 -22.92 -8.99 -18.04
C LEU A 398 -24.00 -7.98 -17.65
N THR A 399 -25.03 -7.83 -18.47
CA THR A 399 -26.14 -6.93 -18.16
C THR A 399 -27.31 -7.64 -17.44
N ALA A 400 -27.03 -8.77 -16.79
CA ALA A 400 -28.09 -9.52 -16.11
C ALA A 400 -28.75 -8.63 -15.05
N PRO A 401 -30.07 -8.43 -15.16
CA PRO A 401 -30.67 -7.49 -14.21
C PRO A 401 -30.41 -7.96 -12.79
N GLY A 402 -29.78 -7.10 -11.97
CA GLY A 402 -29.46 -7.40 -10.58
C GLY A 402 -28.02 -7.77 -10.28
N SER A 403 -27.23 -8.05 -11.33
CA SER A 403 -25.86 -8.54 -11.16
C SER A 403 -24.86 -7.42 -10.82
N ASP A 404 -23.71 -7.81 -10.31
CA ASP A 404 -22.72 -6.80 -9.96
C ASP A 404 -22.08 -6.18 -11.17
N SER A 405 -21.97 -6.94 -12.26
CA SER A 405 -21.41 -6.45 -13.51
C SER A 405 -22.33 -5.42 -14.16
N ALA A 406 -23.65 -5.59 -14.00
CA ALA A 406 -24.65 -4.65 -14.54
C ALA A 406 -24.42 -3.18 -14.12
N VAL A 407 -23.85 -2.98 -12.94
CA VAL A 407 -23.57 -1.62 -12.51
C VAL A 407 -22.70 -0.92 -13.54
N PHE A 408 -21.76 -1.67 -14.10
CA PHE A 408 -20.79 -1.09 -15.04
C PHE A 408 -21.16 -1.21 -16.51
N PHE A 409 -21.88 -2.28 -16.87
CA PHE A 409 -22.16 -2.60 -18.29
C PHE A 409 -23.59 -2.36 -18.77
N GLU A 410 -24.46 -1.91 -17.86
CA GLU A 410 -25.84 -1.58 -18.21
C GLU A 410 -25.82 -0.27 -18.99
N GLN A 411 -26.64 -0.19 -20.04
CA GLN A 411 -26.74 0.99 -20.92
C GLN A 411 -28.23 1.39 -21.06
N GLY A 412 -28.51 2.67 -20.81
CA GLY A 412 -29.87 3.21 -20.94
C GLY A 412 -29.89 4.71 -20.79
N THR A 413 -30.98 5.23 -20.19
CA THR A 413 -31.24 6.66 -20.25
C THR A 413 -30.11 7.49 -19.64
N THR A 414 -29.54 7.07 -18.53
CA THR A 414 -28.52 7.89 -17.88
C THR A 414 -27.20 7.10 -17.63
N ARG A 415 -26.88 6.18 -18.55
CA ARG A 415 -25.83 5.17 -18.31
C ARG A 415 -25.09 4.72 -19.60
N ILE A 416 -23.78 4.94 -19.64
CA ILE A 416 -22.95 4.73 -20.83
C ILE A 416 -22.80 3.28 -21.23
N GLY A 417 -22.26 2.47 -20.34
CA GLY A 417 -22.14 1.02 -20.59
C GLY A 417 -20.72 0.52 -20.64
N GLY A 418 -20.50 -0.47 -21.50
CA GLY A 418 -19.24 -1.21 -21.55
C GLY A 418 -18.20 -0.62 -22.47
N SER A 419 -18.60 0.33 -23.31
CA SER A 419 -17.73 0.78 -24.38
C SER A 419 -17.64 2.30 -24.34
N TYR A 420 -16.39 2.81 -24.40
CA TYR A 420 -16.04 4.24 -24.27
C TYR A 420 -15.06 4.69 -25.37
N LYS A 421 -15.31 5.85 -25.96
CA LYS A 421 -14.33 6.51 -26.82
C LYS A 421 -13.06 6.70 -25.96
N LYS A 422 -11.90 6.24 -26.42
CA LYS A 422 -10.64 6.49 -25.71
C LYS A 422 -9.52 7.00 -26.64
N LEU A 423 -8.45 7.44 -25.99
CA LEU A 423 -7.19 7.84 -26.62
C LEU A 423 -6.14 6.83 -26.16
N VAL A 424 -5.41 6.31 -27.14
CA VAL A 424 -4.58 5.16 -26.95
C VAL A 424 -3.33 5.33 -27.79
N TYR A 425 -2.19 4.94 -27.25
CA TYR A 425 -0.94 5.01 -27.97
C TYR A 425 -0.91 3.81 -28.92
N ARG A 426 -0.43 3.98 -30.15
CA ARG A 426 -0.21 2.82 -31.04
C ARG A 426 1.03 3.00 -31.89
N GLU A 427 1.64 1.88 -32.27
CA GLU A 427 2.93 1.91 -32.97
C GLU A 427 2.72 1.84 -34.46
N TYR A 428 3.47 2.69 -35.17
CA TYR A 428 3.51 2.66 -36.63
C TYR A 428 4.93 2.27 -37.09
N THR A 429 5.06 1.92 -38.37
CA THR A 429 6.30 1.35 -38.88
C THR A 429 7.42 2.39 -39.03
N ASP A 430 7.12 3.55 -39.60
CA ASP A 430 8.17 4.54 -39.83
C ASP A 430 7.66 5.97 -39.67
N ALA A 431 8.50 6.94 -40.07
CA ALA A 431 8.27 8.38 -39.78
C ALA A 431 7.12 9.07 -40.56
N SER A 432 6.54 8.41 -41.57
CA SER A 432 5.20 8.79 -42.03
C SER A 432 4.29 8.06 -41.09
N PHE A 433 2.99 8.16 -41.26
CA PHE A 433 2.15 7.32 -40.36
C PHE A 433 1.17 6.53 -41.18
N THR A 434 1.71 6.07 -42.30
CA THR A 434 0.97 5.38 -43.35
C THR A 434 0.57 3.97 -42.95
N ASN A 435 1.29 3.36 -42.01
CA ASN A 435 1.30 1.91 -41.99
C ASN A 435 0.91 1.14 -40.78
N ARG A 436 1.52 1.38 -39.62
CA ARG A 436 1.00 0.73 -38.41
C ARG A 436 1.57 -0.68 -38.22
N LYS A 437 2.32 -0.91 -37.14
CA LYS A 437 2.80 -2.27 -36.80
C LYS A 437 1.62 -3.04 -36.25
N GLU A 438 1.15 -4.03 -37.01
CA GLU A 438 0.03 -4.85 -36.55
C GLU A 438 0.49 -5.73 -35.37
N ARG A 439 -0.38 -5.87 -34.38
CA ARG A 439 -0.08 -6.69 -33.21
C ARG A 439 -0.19 -8.19 -33.54
N GLY A 440 0.71 -8.97 -32.98
CA GLY A 440 0.62 -10.40 -33.09
C GLY A 440 0.08 -11.10 -31.85
N PRO A 441 0.34 -12.42 -31.78
CA PRO A 441 0.02 -13.24 -30.59
C PRO A 441 0.76 -12.80 -29.32
N GLU A 442 2.02 -12.44 -29.42
CA GLU A 442 2.79 -12.05 -28.23
C GLU A 442 2.19 -10.79 -27.62
N GLU A 443 1.52 -9.94 -28.40
CA GLU A 443 0.91 -8.71 -27.84
C GLU A 443 -0.62 -8.65 -27.86
N GLU A 444 -1.26 -9.79 -27.97
CA GLU A 444 -2.70 -9.78 -27.96
C GLU A 444 -3.20 -9.32 -26.56
N HIS A 445 -2.45 -9.65 -25.50
CA HIS A 445 -2.84 -9.33 -24.15
C HIS A 445 -2.67 -7.88 -23.76
N LEU A 446 -1.96 -7.13 -24.58
CA LEU A 446 -1.67 -5.76 -24.19
C LEU A 446 -2.95 -4.92 -24.07
N GLY A 447 -3.91 -5.21 -24.94
CA GLY A 447 -5.18 -4.52 -24.95
C GLY A 447 -5.05 -3.02 -25.08
N ILE A 448 -5.69 -2.30 -24.16
CA ILE A 448 -5.63 -0.84 -24.15
C ILE A 448 -4.20 -0.30 -24.11
N LEU A 449 -3.24 -1.06 -23.59
CA LEU A 449 -1.91 -0.51 -23.35
C LEU A 449 -1.29 -0.14 -24.69
N GLY A 450 -0.35 0.80 -24.69
CA GLY A 450 0.37 1.11 -25.91
C GLY A 450 1.50 0.10 -26.11
N PRO A 451 2.21 0.21 -27.23
CA PRO A 451 3.32 -0.71 -27.52
C PRO A 451 4.42 -0.69 -26.48
N VAL A 452 5.12 -1.81 -26.36
CA VAL A 452 6.21 -1.92 -25.43
C VAL A 452 7.36 -1.06 -25.89
N ILE A 453 7.82 -0.13 -25.06
CA ILE A 453 9.10 0.49 -25.31
C ILE A 453 10.14 -0.29 -24.52
N TRP A 454 11.15 -0.77 -25.21
CA TRP A 454 12.21 -1.52 -24.54
C TRP A 454 13.59 -0.97 -24.89
N ALA A 455 14.49 -0.96 -23.90
CA ALA A 455 15.88 -0.54 -24.16
C ALA A 455 16.84 -1.29 -23.22
N GLU A 456 18.11 -1.34 -23.60
CA GLU A 456 19.17 -1.91 -22.75
C GLU A 456 20.04 -0.78 -22.16
N VAL A 457 20.62 -1.00 -20.97
CA VAL A 457 21.57 -0.04 -20.42
C VAL A 457 22.61 0.34 -21.46
N GLY A 458 22.83 1.64 -21.64
CA GLY A 458 23.79 2.14 -22.63
C GLY A 458 23.18 2.54 -23.97
N ASP A 459 21.89 2.33 -24.10
CA ASP A 459 21.16 2.72 -25.31
C ASP A 459 20.67 4.18 -25.21
N THR A 460 20.34 4.76 -26.37
CA THR A 460 19.59 6.03 -26.50
C THR A 460 18.23 5.71 -27.10
N ILE A 461 17.17 6.39 -26.67
CA ILE A 461 15.82 6.08 -27.18
C ILE A 461 15.24 7.33 -27.82
N ARG A 462 14.79 7.20 -29.07
CA ARG A 462 14.05 8.25 -29.75
C ARG A 462 12.61 7.85 -29.99
N VAL A 463 11.67 8.71 -29.61
CA VAL A 463 10.26 8.39 -29.82
C VAL A 463 9.60 9.53 -30.59
N THR A 464 9.29 9.27 -31.85
CA THR A 464 8.60 10.23 -32.68
C THR A 464 7.13 10.11 -32.35
N PHE A 465 6.57 11.11 -31.69
CA PHE A 465 5.19 11.05 -31.24
C PHE A 465 4.30 11.97 -32.12
N HIS A 466 3.22 11.41 -32.64
CA HIS A 466 2.25 12.15 -33.45
C HIS A 466 0.84 12.05 -32.86
N ASN A 467 0.16 13.18 -32.74
CA ASN A 467 -1.15 13.26 -32.07
C ASN A 467 -2.33 13.36 -33.04
N LYS A 468 -3.05 12.27 -33.25
CA LYS A 468 -4.30 12.28 -34.03
C LYS A 468 -5.52 12.38 -33.08
N GLY A 469 -5.34 13.00 -31.93
CA GLY A 469 -6.44 13.23 -31.00
C GLY A 469 -6.84 14.69 -30.96
N ALA A 470 -7.89 14.98 -30.18
CA ALA A 470 -8.48 16.33 -30.14
C ALA A 470 -7.96 17.16 -28.97
N TYR A 471 -7.07 16.60 -28.18
CA TYR A 471 -6.54 17.28 -27.00
C TYR A 471 -5.01 17.21 -27.06
N PRO A 472 -4.32 18.20 -26.46
CA PRO A 472 -2.85 18.16 -26.48
C PRO A 472 -2.33 17.09 -25.53
N LEU A 473 -1.24 16.43 -25.90
CA LEU A 473 -0.71 15.27 -25.16
C LEU A 473 0.81 15.23 -25.09
N SER A 474 1.35 14.20 -24.46
CA SER A 474 2.79 14.02 -24.41
C SER A 474 3.13 12.55 -24.12
N ILE A 475 4.42 12.28 -23.94
CA ILE A 475 4.87 11.02 -23.43
C ILE A 475 5.86 11.32 -22.32
N GLU A 476 5.57 10.82 -21.12
CA GLU A 476 6.43 10.89 -19.95
C GLU A 476 6.81 9.43 -19.59
N PRO A 477 8.11 9.10 -19.64
CA PRO A 477 8.61 7.80 -19.23
C PRO A 477 9.06 7.79 -17.79
N ILE A 478 8.84 6.67 -17.11
CA ILE A 478 9.35 6.45 -15.78
C ILE A 478 10.50 5.48 -15.94
N GLY A 479 11.61 5.70 -15.24
CA GLY A 479 12.74 4.77 -15.29
C GLY A 479 13.85 5.01 -16.33
N VAL A 480 13.72 6.06 -17.14
CA VAL A 480 14.81 6.43 -18.04
C VAL A 480 15.31 7.87 -17.78
N ARG A 481 16.46 8.19 -18.34
CA ARG A 481 17.08 9.50 -18.17
C ARG A 481 16.70 10.46 -19.30
N PHE A 482 16.34 11.69 -18.93
CA PHE A 482 16.05 12.74 -19.91
C PHE A 482 16.32 14.12 -19.36
N ASN A 483 16.96 14.99 -20.14
CA ASN A 483 17.17 16.41 -19.73
C ASN A 483 15.87 17.27 -19.79
N LYS A 484 15.97 18.54 -19.39
CA LYS A 484 14.78 19.39 -19.27
C LYS A 484 14.09 19.63 -20.63
N ASN A 485 14.88 19.61 -21.70
CA ASN A 485 14.35 19.80 -23.04
C ASN A 485 13.36 18.72 -23.51
N ASN A 486 13.39 17.57 -22.84
CA ASN A 486 12.63 16.39 -23.23
C ASN A 486 11.57 15.96 -22.23
N GLU A 487 11.46 16.69 -21.12
CA GLU A 487 10.49 16.35 -20.06
C GLU A 487 9.03 16.39 -20.54
N GLY A 488 8.28 15.32 -20.29
CA GLY A 488 6.88 15.24 -20.70
C GLY A 488 5.84 16.03 -19.90
N THR A 489 6.20 16.59 -18.76
CA THR A 489 5.28 17.42 -17.95
C THR A 489 5.79 18.83 -17.82
N TYR A 490 4.90 19.78 -17.58
CA TYR A 490 5.33 21.16 -17.32
C TYR A 490 5.08 21.56 -15.88
N TYR A 491 6.11 22.16 -15.29
CA TYR A 491 6.02 22.80 -14.00
C TYR A 491 7.17 23.77 -13.85
N SER A 492 6.96 24.75 -12.96
CA SER A 492 7.94 25.83 -12.74
C SER A 492 7.73 26.56 -11.40
N PRO A 493 8.83 27.04 -10.78
CA PRO A 493 8.74 27.88 -9.57
C PRO A 493 8.56 29.41 -9.79
N ASN A 494 8.99 29.94 -10.95
CA ASN A 494 8.82 31.35 -11.30
C ASN A 494 8.35 31.48 -12.75
N VAL A 502 2.83 28.17 -31.57
CA VAL A 502 3.76 27.72 -30.53
C VAL A 502 4.37 26.37 -30.96
N PRO A 503 5.65 26.37 -31.47
CA PRO A 503 6.25 25.09 -31.90
C PRO A 503 6.20 24.03 -30.79
N PRO A 504 5.89 22.77 -31.15
CA PRO A 504 5.59 21.74 -30.15
C PRO A 504 6.78 21.43 -29.25
N SER A 505 6.56 21.20 -27.95
CA SER A 505 7.66 20.82 -27.05
C SER A 505 7.47 19.44 -26.41
N ALA A 506 8.44 19.04 -25.60
CA ALA A 506 8.35 17.83 -24.79
C ALA A 506 7.07 17.79 -23.95
N SER A 507 6.70 18.91 -23.32
CA SER A 507 5.53 18.97 -22.43
C SER A 507 4.19 19.25 -23.12
N HIS A 508 4.20 19.47 -24.43
CA HIS A 508 3.00 19.92 -25.18
C HIS A 508 3.10 19.63 -26.68
N VAL A 509 2.48 18.53 -27.12
CA VAL A 509 2.28 18.23 -28.51
C VAL A 509 0.79 18.32 -28.78
N ALA A 510 0.39 19.31 -29.57
CA ALA A 510 -1.04 19.61 -29.80
C ALA A 510 -1.67 18.74 -30.93
N PRO A 511 -3.02 18.76 -31.05
CA PRO A 511 -3.87 17.90 -31.90
C PRO A 511 -3.45 17.55 -33.35
N THR A 512 -2.44 18.17 -33.91
CA THR A 512 -2.03 17.74 -35.24
C THR A 512 -0.54 17.49 -35.39
N GLU A 513 0.17 17.61 -34.28
CA GLU A 513 1.61 17.85 -34.31
C GLU A 513 2.42 16.61 -33.93
N THR A 514 3.73 16.79 -33.88
CA THR A 514 4.68 15.71 -33.92
C THR A 514 5.98 16.17 -33.27
N PHE A 515 6.58 15.32 -32.45
CA PHE A 515 7.80 15.66 -31.70
C PHE A 515 8.60 14.39 -31.39
N THR A 516 9.93 14.51 -31.47
CA THR A 516 10.83 13.39 -31.25
C THR A 516 11.61 13.51 -29.94
N TYR A 517 11.20 12.70 -28.96
CA TYR A 517 11.83 12.69 -27.64
C TYR A 517 13.18 11.97 -27.69
N GLU A 518 14.15 12.43 -26.89
CA GLU A 518 15.36 11.68 -26.67
C GLU A 518 15.52 11.40 -25.19
N TRP A 519 15.54 10.12 -24.86
CA TRP A 519 15.88 9.65 -23.52
C TRP A 519 17.18 8.88 -23.64
N THR A 520 17.93 8.83 -22.55
CA THR A 520 19.09 7.95 -22.45
C THR A 520 18.83 6.91 -21.36
N VAL A 521 19.60 5.83 -21.38
CA VAL A 521 19.50 4.76 -20.39
C VAL A 521 20.90 4.43 -19.87
N PRO A 522 21.53 5.35 -19.14
CA PRO A 522 22.84 5.05 -18.54
C PRO A 522 22.77 4.08 -17.34
N LYS A 523 23.90 3.44 -17.02
CA LYS A 523 23.99 2.46 -15.92
C LYS A 523 23.38 2.97 -14.62
N GLU A 524 23.52 4.28 -14.35
CA GLU A 524 23.01 4.86 -13.12
C GLU A 524 21.47 5.00 -13.03
N VAL A 525 20.75 4.70 -14.11
CA VAL A 525 19.29 4.67 -14.12
C VAL A 525 18.73 3.24 -14.41
N GLY A 526 19.61 2.35 -14.87
CA GLY A 526 19.23 0.95 -15.13
C GLY A 526 19.40 0.02 -13.93
N PRO A 527 19.07 -1.27 -14.08
CA PRO A 527 19.20 -2.29 -13.06
C PRO A 527 20.59 -2.39 -12.45
N THR A 528 20.66 -2.65 -11.14
CA THR A 528 21.94 -2.87 -10.44
C THR A 528 22.22 -4.34 -10.46
N ASN A 529 23.38 -4.73 -9.93
CA ASN A 529 23.72 -6.14 -9.84
C ASN A 529 22.63 -6.95 -9.10
N ALA A 530 22.04 -6.37 -8.06
CA ALA A 530 21.06 -7.09 -7.25
C ALA A 530 19.70 -7.30 -7.93
N ASP A 531 19.38 -6.41 -8.86
CA ASP A 531 18.17 -6.48 -9.66
C ASP A 531 18.20 -7.62 -10.66
N PRO A 532 17.02 -8.02 -11.14
CA PRO A 532 16.88 -8.92 -12.27
C PRO A 532 17.26 -8.25 -13.58
N VAL A 533 17.25 -9.03 -14.65
CA VAL A 533 17.71 -8.59 -15.95
C VAL A 533 16.89 -7.45 -16.51
N CYS A 534 15.59 -7.53 -16.42
CA CYS A 534 14.77 -6.42 -16.90
C CYS A 534 13.88 -5.92 -15.79
N LEU A 535 13.69 -4.61 -15.73
CA LEU A 535 12.77 -3.97 -14.82
C LEU A 535 11.52 -3.44 -15.51
N ALA A 536 10.39 -3.64 -14.86
CA ALA A 536 9.10 -3.16 -15.33
C ALA A 536 9.03 -1.64 -15.20
N LYS A 537 8.78 -0.94 -16.29
CA LYS A 537 8.51 0.48 -16.22
C LYS A 537 7.31 0.86 -17.07
N MET A 538 7.03 2.16 -17.18
CA MET A 538 5.82 2.64 -17.83
C MET A 538 6.04 4.02 -18.42
N TYR A 539 5.18 4.38 -19.38
CA TYR A 539 5.05 5.73 -19.89
C TYR A 539 3.56 6.11 -20.02
N TYR A 540 3.27 7.41 -19.86
CA TYR A 540 1.92 7.92 -19.98
C TYR A 540 1.97 9.36 -20.46
N SER A 541 0.87 9.85 -21.01
CA SER A 541 0.81 11.27 -21.33
C SER A 541 0.64 12.09 -20.05
N ALA A 542 1.29 13.24 -20.01
CA ALA A 542 1.29 14.06 -18.79
C ALA A 542 1.17 15.56 -19.06
N VAL A 543 0.32 15.91 -20.05
CA VAL A 543 -0.13 17.30 -20.19
C VAL A 543 -1.00 17.56 -18.97
N ASP A 544 -1.81 16.54 -18.65
CA ASP A 544 -2.51 16.44 -17.38
C ASP A 544 -2.57 14.94 -17.12
N PRO A 545 -1.65 14.42 -16.29
CA PRO A 545 -1.68 12.98 -16.06
C PRO A 545 -2.90 12.51 -15.29
N THR A 546 -3.60 13.43 -14.61
CA THR A 546 -4.76 13.06 -13.80
C THR A 546 -6.00 12.82 -14.64
N LYS A 547 -5.95 13.27 -15.90
CA LYS A 547 -6.96 12.90 -16.87
C LYS A 547 -6.43 12.00 -18.00
N ASP A 548 -5.17 12.16 -18.39
CA ASP A 548 -4.66 11.49 -19.61
C ASP A 548 -4.59 9.97 -19.45
N ILE A 549 -4.08 9.51 -18.30
CA ILE A 549 -3.91 8.09 -18.09
C ILE A 549 -5.26 7.44 -18.26
N PHE A 550 -6.27 7.95 -17.57
CA PHE A 550 -7.58 7.33 -17.57
C PHE A 550 -8.25 7.44 -18.93
N THR A 551 -7.89 8.45 -19.70
CA THR A 551 -8.36 8.56 -21.06
C THR A 551 -7.77 7.43 -21.91
N GLY A 552 -6.66 6.84 -21.44
CA GLY A 552 -6.11 5.64 -22.06
C GLY A 552 -4.64 5.69 -22.46
N LEU A 553 -4.00 6.82 -22.18
CA LEU A 553 -2.66 7.04 -22.65
C LEU A 553 -1.64 6.50 -21.69
N ILE A 554 -1.52 5.19 -21.68
CA ILE A 554 -0.61 4.51 -20.78
C ILE A 554 -0.04 3.38 -21.57
N GLY A 555 1.23 3.08 -21.30
CA GLY A 555 1.85 1.95 -21.92
C GLY A 555 2.98 1.42 -21.07
N PRO A 556 3.47 0.20 -21.41
CA PRO A 556 4.53 -0.51 -20.74
C PRO A 556 5.90 -0.31 -21.34
N MET A 557 6.89 -0.40 -20.48
CA MET A 557 8.26 -0.18 -20.81
C MET A 557 9.06 -1.27 -20.11
N LYS A 558 10.24 -1.54 -20.63
CA LYS A 558 11.06 -2.60 -20.09
C LYS A 558 12.50 -2.13 -20.23
N ILE A 559 13.18 -1.88 -19.12
CA ILE A 559 14.56 -1.41 -19.17
C ILE A 559 15.50 -2.46 -18.60
N CYS A 560 16.48 -2.90 -19.40
CA CYS A 560 17.27 -4.12 -19.10
C CYS A 560 18.75 -3.92 -19.10
N LYS A 561 19.50 -4.89 -18.59
CA LYS A 561 20.97 -4.82 -18.54
C LYS A 561 21.59 -5.05 -19.92
N LYS A 562 22.77 -4.49 -20.14
CA LYS A 562 23.48 -4.60 -21.42
C LYS A 562 23.65 -6.05 -21.84
N GLY A 563 23.17 -6.40 -23.04
CA GLY A 563 23.39 -7.72 -23.62
C GLY A 563 22.43 -8.78 -23.13
N SER A 564 21.30 -8.36 -22.59
CA SER A 564 20.37 -9.30 -22.07
C SER A 564 19.23 -9.62 -23.05
N LEU A 565 19.04 -8.79 -24.06
CA LEU A 565 17.95 -9.00 -24.98
C LEU A 565 18.42 -9.42 -26.35
N HIS A 566 17.48 -9.94 -27.13
CA HIS A 566 17.72 -10.31 -28.51
C HIS A 566 17.43 -9.11 -29.41
N ALA A 567 17.88 -9.15 -30.66
CA ALA A 567 17.52 -8.10 -31.62
C ALA A 567 15.99 -7.80 -31.62
N ASN A 568 15.16 -8.84 -31.44
CA ASN A 568 13.70 -8.67 -31.44
C ASN A 568 13.11 -8.09 -30.15
N GLY A 569 13.89 -7.96 -29.08
CA GLY A 569 13.39 -7.33 -27.88
C GLY A 569 13.15 -8.30 -26.74
N ARG A 570 13.12 -9.59 -27.08
CA ARG A 570 12.89 -10.66 -26.11
C ARG A 570 14.13 -10.95 -25.24
N GLN A 571 13.91 -11.14 -23.95
CA GLN A 571 14.93 -11.62 -23.00
C GLN A 571 15.50 -12.99 -23.37
N LYS A 572 16.82 -13.13 -23.30
CA LYS A 572 17.49 -14.27 -23.84
C LYS A 572 16.82 -15.61 -23.46
N ASP A 573 16.72 -15.95 -22.19
CA ASP A 573 16.41 -17.36 -21.98
C ASP A 573 15.01 -17.47 -21.39
N VAL A 574 14.05 -16.82 -22.05
CA VAL A 574 12.74 -16.62 -21.48
C VAL A 574 11.68 -16.86 -22.52
N ASP A 575 10.82 -17.85 -22.28
CA ASP A 575 9.81 -18.22 -23.23
C ASP A 575 8.72 -17.18 -23.39
N LYS A 576 8.25 -16.59 -22.29
CA LYS A 576 7.15 -15.64 -22.38
C LYS A 576 7.36 -14.42 -21.51
N GLU A 577 6.79 -13.29 -21.92
CA GLU A 577 6.85 -12.02 -21.18
C GLU A 577 5.51 -11.38 -21.29
N PHE A 578 4.88 -11.06 -20.16
CA PHE A 578 3.55 -10.45 -20.16
C PHE A 578 3.61 -9.18 -19.39
N TYR A 579 2.79 -8.21 -19.83
CA TYR A 579 2.71 -6.93 -19.20
C TYR A 579 1.28 -6.75 -18.72
N LEU A 580 1.13 -6.57 -17.41
CA LEU A 580 -0.19 -6.41 -16.77
C LEU A 580 -0.31 -5.07 -16.05
N PHE A 581 -1.37 -4.36 -16.40
CA PHE A 581 -1.70 -3.09 -15.82
C PHE A 581 -3.11 -3.16 -15.32
N PRO A 582 -3.27 -3.50 -14.04
CA PRO A 582 -4.55 -3.42 -13.44
C PRO A 582 -4.77 -2.02 -12.88
N THR A 583 -5.98 -1.51 -13.09
CA THR A 583 -6.35 -0.25 -12.50
C THR A 583 -7.84 -0.06 -12.55
N VAL A 584 -8.31 0.96 -11.86
CA VAL A 584 -9.69 1.39 -11.98
C VAL A 584 -9.70 2.49 -13.02
N PHE A 585 -10.25 2.18 -14.20
CA PHE A 585 -10.31 3.16 -15.27
C PHE A 585 -11.46 4.11 -14.96
N ASP A 586 -11.10 5.26 -14.42
CA ASP A 586 -12.10 6.16 -13.97
C ASP A 586 -12.47 6.98 -15.16
N GLU A 587 -13.47 6.51 -15.88
CA GLU A 587 -13.95 7.20 -17.06
C GLU A 587 -14.60 8.55 -16.72
N ASN A 588 -14.89 8.78 -15.43
CA ASN A 588 -15.34 10.11 -14.99
C ASN A 588 -14.28 11.17 -15.15
N GLU A 589 -13.03 10.76 -15.25
CA GLU A 589 -11.91 11.66 -15.41
C GLU A 589 -11.35 11.66 -16.83
N SER A 590 -12.04 11.05 -17.80
CA SER A 590 -11.48 10.96 -19.14
C SER A 590 -11.70 12.23 -19.85
N LEU A 591 -10.67 12.69 -20.55
CA LEU A 591 -10.80 13.85 -21.43
C LEU A 591 -12.04 13.74 -22.31
N LEU A 592 -12.48 12.51 -22.59
CA LEU A 592 -13.62 12.23 -23.48
C LEU A 592 -14.96 11.99 -22.79
N LEU A 593 -15.07 12.34 -21.51
CA LEU A 593 -16.30 12.09 -20.76
C LEU A 593 -17.56 12.66 -21.42
N GLU A 594 -17.59 13.97 -21.66
CA GLU A 594 -18.77 14.58 -22.29
C GLU A 594 -19.05 13.93 -23.62
N ASP A 595 -18.01 13.77 -24.45
CA ASP A 595 -18.14 13.07 -25.74
C ASP A 595 -18.82 11.69 -25.54
N ASN A 596 -18.41 10.96 -24.51
CA ASN A 596 -19.00 9.65 -24.22
C ASN A 596 -20.43 9.70 -23.74
N ILE A 597 -20.74 10.68 -22.90
CA ILE A 597 -22.13 10.88 -22.51
C ILE A 597 -23.01 11.12 -23.76
N ARG A 598 -22.54 11.91 -24.73
CA ARG A 598 -23.41 12.26 -25.88
C ARG A 598 -23.47 11.16 -26.94
N MET A 599 -22.55 10.18 -26.90
CA MET A 599 -22.57 9.09 -27.88
C MET A 599 -23.30 7.83 -27.40
N PHE A 600 -23.44 7.65 -26.07
CA PHE A 600 -23.93 6.37 -25.54
C PHE A 600 -25.22 6.37 -24.70
N THR A 601 -25.42 7.37 -23.86
CA THR A 601 -26.67 7.45 -23.10
C THR A 601 -27.85 7.81 -24.00
N THR A 602 -29.00 7.19 -23.74
CA THR A 602 -30.22 7.47 -24.51
C THR A 602 -30.98 8.72 -24.00
N ALA A 603 -30.40 9.46 -23.04
CA ALA A 603 -31.00 10.74 -22.58
C ALA A 603 -29.93 11.68 -21.99
N PRO A 604 -29.02 12.18 -22.83
CA PRO A 604 -27.82 12.92 -22.38
C PRO A 604 -28.06 14.07 -21.40
N ASP A 605 -29.17 14.79 -21.57
CA ASP A 605 -29.46 15.98 -20.76
C ASP A 605 -29.79 15.64 -19.31
N GLN A 606 -30.28 14.43 -19.05
CA GLN A 606 -30.72 14.03 -17.71
C GLN A 606 -29.59 13.48 -16.87
N VAL A 607 -28.37 13.45 -17.41
CA VAL A 607 -27.19 12.91 -16.68
C VAL A 607 -26.44 13.95 -15.83
N ASP A 608 -26.39 13.67 -14.52
CA ASP A 608 -25.71 14.50 -13.55
C ASP A 608 -24.30 13.94 -13.36
N LYS A 609 -23.31 14.65 -13.87
CA LYS A 609 -21.91 14.22 -13.77
C LYS A 609 -21.40 14.16 -12.35
N GLU A 610 -22.25 14.42 -11.35
CA GLU A 610 -21.86 14.41 -9.93
C GLU A 610 -22.57 13.37 -9.08
N ASP A 611 -23.51 12.65 -9.66
CA ASP A 611 -24.31 11.65 -8.93
C ASP A 611 -23.48 10.39 -8.66
N GLU A 612 -23.36 10.00 -7.40
CA GLU A 612 -22.48 8.91 -7.00
C GLU A 612 -22.70 7.66 -7.82
N ASP A 613 -23.96 7.26 -7.98
CA ASP A 613 -24.28 6.03 -8.73
C ASP A 613 -23.80 6.05 -10.19
N PHE A 614 -24.02 7.19 -10.86
CA PHE A 614 -23.48 7.43 -12.21
C PHE A 614 -21.98 7.26 -12.26
N GLN A 615 -21.25 7.86 -11.33
CA GLN A 615 -19.80 7.71 -11.41
C GLN A 615 -19.29 6.33 -11.07
N GLU A 616 -19.97 5.59 -10.20
CA GLU A 616 -19.63 4.16 -10.04
C GLU A 616 -19.76 3.49 -11.39
N SER A 617 -20.81 3.81 -12.15
CA SER A 617 -21.05 3.11 -13.42
C SER A 617 -19.94 3.34 -14.44
N ASN A 618 -19.15 4.38 -14.22
CA ASN A 618 -18.01 4.67 -15.05
C ASN A 618 -16.63 4.27 -14.46
N LYS A 619 -16.61 3.65 -13.29
CA LYS A 619 -15.36 3.17 -12.72
C LYS A 619 -15.10 1.73 -13.21
N MET A 620 -14.21 1.59 -14.21
CA MET A 620 -14.06 0.31 -14.88
C MET A 620 -12.83 -0.46 -14.37
N HIS A 621 -13.10 -1.41 -13.48
CA HIS A 621 -12.10 -2.17 -12.80
C HIS A 621 -11.60 -3.26 -13.72
N SER A 622 -10.33 -3.18 -14.09
CA SER A 622 -9.88 -3.87 -15.28
C SER A 622 -8.39 -4.19 -15.27
N MET A 623 -7.99 -5.11 -16.16
CA MET A 623 -6.60 -5.47 -16.44
C MET A 623 -6.35 -5.22 -17.95
N ASN A 624 -5.40 -4.34 -18.27
CA ASN A 624 -5.13 -3.94 -19.64
C ASN A 624 -6.42 -3.47 -20.37
N GLY A 625 -7.33 -2.88 -19.64
CA GLY A 625 -8.66 -2.53 -20.13
C GLY A 625 -9.66 -3.66 -20.30
N PHE A 626 -9.42 -4.80 -19.66
CA PHE A 626 -10.31 -5.95 -19.82
C PHE A 626 -10.98 -6.30 -18.50
N MET A 627 -12.19 -6.80 -18.57
CA MET A 627 -12.96 -7.07 -17.39
C MET A 627 -13.68 -8.36 -17.51
N TYR A 628 -13.97 -8.93 -16.34
CA TYR A 628 -14.78 -10.13 -16.23
C TYR A 628 -14.25 -11.26 -17.12
N GLY A 629 -13.00 -11.59 -16.89
CA GLY A 629 -12.35 -12.63 -17.66
C GLY A 629 -12.22 -12.49 -19.17
N ASN A 630 -12.37 -11.30 -19.75
CA ASN A 630 -12.30 -11.19 -21.23
C ASN A 630 -10.92 -10.93 -21.80
N GLN A 631 -9.88 -10.83 -20.97
CA GLN A 631 -8.54 -10.58 -21.47
C GLN A 631 -8.03 -11.83 -22.18
N PRO A 632 -7.55 -11.69 -23.41
CA PRO A 632 -7.01 -12.81 -24.13
C PRO A 632 -5.48 -12.82 -24.12
N GLY A 633 -4.92 -13.94 -24.57
CA GLY A 633 -3.50 -13.99 -24.91
C GLY A 633 -2.48 -14.25 -23.80
N LEU A 634 -2.95 -14.65 -22.62
CA LEU A 634 -2.05 -15.10 -21.55
C LEU A 634 -1.98 -16.64 -21.64
N THR A 635 -1.09 -17.12 -22.50
CA THR A 635 -0.98 -18.53 -22.74
C THR A 635 0.47 -18.90 -22.78
N MET A 636 0.77 -20.10 -22.32
CA MET A 636 2.12 -20.48 -22.07
C MET A 636 2.16 -21.99 -21.93
N CYS A 637 3.35 -22.57 -22.09
CA CYS A 637 3.51 -24.00 -21.90
C CYS A 637 3.91 -24.30 -20.47
N LYS A 638 3.56 -25.49 -19.99
CA LYS A 638 4.11 -26.02 -18.75
C LYS A 638 5.64 -26.17 -18.81
N GLY A 639 6.32 -25.63 -17.81
CA GLY A 639 7.78 -25.68 -17.80
C GLY A 639 8.39 -24.46 -18.44
N ASP A 640 7.56 -23.58 -19.01
CA ASP A 640 8.03 -22.39 -19.63
C ASP A 640 8.61 -21.47 -18.58
N SER A 641 9.62 -20.73 -19.00
CA SER A 641 10.12 -19.63 -18.22
C SER A 641 9.32 -18.39 -18.59
N VAL A 642 8.66 -17.76 -17.62
CA VAL A 642 7.79 -16.64 -17.88
C VAL A 642 8.14 -15.46 -16.96
N VAL A 643 8.21 -14.26 -17.54
CA VAL A 643 8.38 -13.04 -16.77
C VAL A 643 7.11 -12.19 -16.83
N TRP A 644 6.61 -11.79 -15.66
CA TRP A 644 5.45 -10.90 -15.61
C TRP A 644 5.87 -9.51 -15.16
N TYR A 645 5.50 -8.50 -15.94
CA TYR A 645 5.87 -7.10 -15.71
C TYR A 645 4.60 -6.42 -15.24
N LEU A 646 4.50 -6.15 -13.94
CA LEU A 646 3.28 -5.54 -13.44
C LEU A 646 3.54 -4.10 -13.10
N PHE A 647 2.50 -3.28 -13.31
CA PHE A 647 2.49 -1.90 -12.86
C PHE A 647 1.08 -1.36 -12.82
N SER A 648 0.87 -0.32 -12.02
CA SER A 648 -0.43 0.32 -11.90
C SER A 648 -0.29 1.83 -11.80
N ALA A 649 -1.42 2.50 -11.90
CA ALA A 649 -1.52 3.95 -11.74
C ALA A 649 -2.87 4.28 -11.14
N GLY A 650 -3.02 5.50 -10.67
CA GLY A 650 -4.32 5.91 -10.16
C GLY A 650 -4.25 6.61 -8.84
N ASN A 651 -5.19 6.29 -7.97
CA ASN A 651 -5.33 7.03 -6.76
C ASN A 651 -5.47 6.06 -5.60
N GLU A 652 -5.99 6.51 -4.46
CA GLU A 652 -6.13 5.66 -3.26
C GLU A 652 -6.95 4.39 -3.45
N ALA A 653 -7.93 4.39 -4.35
CA ALA A 653 -8.71 3.17 -4.62
C ALA A 653 -7.83 2.06 -5.19
N ASP A 654 -6.65 2.44 -5.68
CA ASP A 654 -5.77 1.51 -6.36
C ASP A 654 -4.80 0.84 -5.42
N VAL A 655 -5.33 -0.03 -4.56
CA VAL A 655 -4.50 -0.92 -3.76
C VAL A 655 -4.88 -2.34 -4.20
N HIS A 656 -3.91 -3.03 -4.79
CA HIS A 656 -4.22 -4.17 -5.62
C HIS A 656 -3.44 -5.29 -5.04
N GLY A 657 -4.01 -6.49 -5.08
CA GLY A 657 -3.30 -7.71 -4.73
C GLY A 657 -3.49 -8.74 -5.86
N ILE A 658 -2.60 -8.75 -6.86
CA ILE A 658 -2.76 -9.54 -8.05
C ILE A 658 -2.32 -10.95 -7.78
N TYR A 659 -3.28 -11.85 -7.78
CA TYR A 659 -3.08 -13.18 -7.29
C TYR A 659 -3.10 -14.14 -8.43
N PHE A 660 -2.08 -14.97 -8.51
CA PHE A 660 -2.00 -15.99 -9.55
C PHE A 660 -2.38 -17.33 -8.96
N SER A 661 -3.63 -17.75 -9.15
CA SER A 661 -4.03 -19.01 -8.55
C SER A 661 -3.26 -20.11 -9.25
N GLY A 662 -2.96 -21.17 -8.52
CA GLY A 662 -2.30 -22.34 -9.09
C GLY A 662 -0.79 -22.33 -9.29
N ASN A 663 -0.15 -21.15 -9.23
CA ASN A 663 1.30 -21.07 -9.37
C ASN A 663 1.89 -20.00 -8.47
N THR A 664 3.16 -20.13 -8.09
CA THR A 664 3.83 -19.06 -7.33
C THR A 664 4.86 -18.43 -8.23
N TYR A 665 5.52 -17.38 -7.75
CA TYR A 665 6.57 -16.66 -8.48
C TYR A 665 7.69 -16.31 -7.50
N LEU A 666 8.88 -15.97 -8.05
CA LEU A 666 9.93 -15.31 -7.26
C LEU A 666 9.97 -13.82 -7.51
N TRP A 667 10.21 -13.06 -6.45
CA TRP A 667 10.52 -11.65 -6.53
C TRP A 667 11.54 -11.30 -5.43
N ARG A 668 12.71 -10.85 -5.82
CA ARG A 668 13.80 -10.51 -4.92
C ARG A 668 14.05 -11.73 -4.04
N GLY A 669 14.20 -12.90 -4.65
CA GLY A 669 14.31 -14.16 -3.87
C GLY A 669 13.17 -14.51 -2.88
N GLU A 670 12.06 -13.82 -2.94
CA GLU A 670 10.92 -14.18 -2.10
C GLU A 670 9.87 -14.95 -2.92
N ARG A 671 9.30 -15.97 -2.30
CA ARG A 671 8.23 -16.72 -2.91
C ARG A 671 6.86 -16.25 -2.57
N ARG A 672 6.07 -15.84 -3.54
CA ARG A 672 4.76 -15.32 -3.29
C ARG A 672 3.85 -15.75 -4.42
N ASP A 673 2.56 -15.57 -4.25
CA ASP A 673 1.63 -15.72 -5.34
C ASP A 673 0.69 -14.54 -5.50
N THR A 674 0.91 -13.45 -4.78
CA THR A 674 0.01 -12.31 -4.85
C THR A 674 0.84 -11.06 -4.79
N ALA A 675 0.80 -10.27 -5.88
CA ALA A 675 1.66 -9.08 -6.04
C ALA A 675 0.92 -7.83 -5.60
N ASN A 676 1.48 -7.04 -4.66
CA ASN A 676 0.76 -5.79 -4.26
C ASN A 676 1.19 -4.59 -5.09
N LEU A 677 0.21 -3.78 -5.54
CA LEU A 677 0.45 -2.65 -6.43
C LEU A 677 -0.36 -1.44 -6.06
N PHE A 678 0.25 -0.27 -6.30
CA PHE A 678 -0.30 1.00 -5.91
C PHE A 678 0.05 1.97 -7.03
N PRO A 679 -0.39 3.22 -6.92
CA PRO A 679 -0.10 4.13 -8.01
C PRO A 679 1.36 4.17 -8.34
N GLN A 680 1.63 3.93 -9.62
CA GLN A 680 2.98 4.01 -10.17
C GLN A 680 3.95 2.99 -9.62
N THR A 681 3.44 1.97 -8.93
CA THR A 681 4.27 0.84 -8.56
C THR A 681 4.53 -0.01 -9.80
N SER A 682 5.74 -0.53 -9.94
CA SER A 682 6.05 -1.52 -10.97
C SER A 682 6.82 -2.71 -10.38
N LEU A 683 6.55 -3.92 -10.87
CA LEU A 683 7.22 -5.13 -10.35
C LEU A 683 7.61 -6.08 -11.45
N THR A 684 8.79 -6.71 -11.33
CA THR A 684 9.16 -7.83 -12.21
C THR A 684 9.14 -9.20 -11.50
N LEU A 685 8.20 -10.06 -11.91
CA LEU A 685 8.02 -11.38 -11.28
C LEU A 685 8.56 -12.50 -12.17
N HIS A 686 9.23 -13.52 -11.62
CA HIS A 686 9.63 -14.69 -12.41
CA HIS A 686 9.68 -14.66 -12.38
C HIS A 686 8.82 -15.93 -12.04
N MET A 687 8.23 -16.56 -13.05
CA MET A 687 7.38 -17.75 -12.85
C MET A 687 7.76 -18.89 -13.80
N TRP A 688 7.74 -20.12 -13.28
CA TRP A 688 7.85 -21.36 -14.06
C TRP A 688 6.62 -22.23 -13.87
N PRO A 689 5.56 -21.98 -14.64
CA PRO A 689 4.29 -22.69 -14.34
C PRO A 689 4.46 -24.19 -14.42
N ASP A 690 3.97 -24.89 -13.40
CA ASP A 690 4.34 -26.29 -13.23
C ASP A 690 3.20 -27.25 -13.35
N THR A 691 2.05 -26.78 -13.80
CA THR A 691 0.93 -27.70 -13.85
C THR A 691 -0.07 -27.26 -14.94
N GLU A 692 -0.55 -28.21 -15.71
CA GLU A 692 -1.45 -27.94 -16.84
C GLU A 692 -2.83 -27.44 -16.37
N GLY A 693 -3.38 -26.45 -17.06
CA GLY A 693 -4.68 -25.89 -16.69
C GLY A 693 -4.92 -24.43 -17.05
N THR A 694 -6.12 -23.97 -16.74
CA THR A 694 -6.54 -22.60 -16.95
C THR A 694 -6.78 -22.08 -15.57
N PHE A 695 -6.05 -21.04 -15.19
CA PHE A 695 -6.01 -20.61 -13.82
C PHE A 695 -6.49 -19.19 -13.81
N ASN A 696 -6.68 -18.59 -12.64
CA ASN A 696 -7.07 -17.18 -12.56
C ASN A 696 -5.89 -16.31 -12.23
N VAL A 697 -5.76 -15.18 -12.95
CA VAL A 697 -5.02 -14.01 -12.47
C VAL A 697 -6.08 -12.97 -12.14
N GLU A 698 -6.17 -12.60 -10.87
CA GLU A 698 -7.26 -11.78 -10.39
C GLU A 698 -6.80 -10.91 -9.26
N CYS A 699 -7.48 -9.79 -9.05
CA CYS A 699 -7.23 -8.96 -7.87
C CYS A 699 -7.99 -9.48 -6.64
N LEU A 700 -7.25 -9.77 -5.60
CA LEU A 700 -7.80 -10.22 -4.33
C LEU A 700 -8.69 -9.15 -3.65
N THR A 701 -8.38 -7.87 -3.88
CA THR A 701 -9.08 -6.79 -3.18
C THR A 701 -10.55 -6.87 -3.53
N THR A 702 -11.35 -6.95 -2.49
CA THR A 702 -12.75 -7.35 -2.56
C THR A 702 -13.58 -6.67 -3.63
N ASP A 703 -13.59 -5.33 -3.60
CA ASP A 703 -14.36 -4.60 -4.60
C ASP A 703 -13.80 -4.69 -6.02
N HIS A 704 -12.47 -4.80 -6.15
CA HIS A 704 -11.91 -4.96 -7.49
C HIS A 704 -12.40 -6.28 -8.10
N TYR A 705 -12.46 -7.32 -7.29
CA TYR A 705 -12.87 -8.62 -7.81
C TYR A 705 -14.36 -8.58 -8.23
N THR A 706 -15.22 -8.19 -7.32
CA THR A 706 -16.63 -8.01 -7.61
C THR A 706 -16.87 -7.14 -8.84
N GLY A 707 -16.01 -6.13 -9.03
CA GLY A 707 -16.14 -5.14 -10.12
C GLY A 707 -15.56 -5.55 -11.46
N GLY A 708 -14.97 -6.74 -11.50
CA GLY A 708 -14.56 -7.36 -12.76
C GLY A 708 -13.06 -7.46 -12.98
N MET A 709 -12.24 -7.28 -11.94
CA MET A 709 -10.78 -7.28 -12.12
C MET A 709 -10.33 -8.72 -11.99
N LYS A 710 -10.57 -9.52 -13.02
CA LYS A 710 -10.29 -10.96 -12.92
C LYS A 710 -10.12 -11.55 -14.30
N GLN A 711 -9.12 -12.42 -14.47
CA GLN A 711 -8.86 -12.95 -15.80
C GLN A 711 -8.34 -14.39 -15.66
N LYS A 712 -8.26 -15.06 -16.81
CA LYS A 712 -7.64 -16.36 -16.91
C LYS A 712 -6.25 -16.28 -17.56
N TYR A 713 -5.42 -17.27 -17.23
CA TYR A 713 -4.19 -17.59 -17.95
C TYR A 713 -4.10 -19.08 -18.10
N THR A 714 -3.72 -19.53 -19.30
CA THR A 714 -3.74 -20.94 -19.65
C THR A 714 -2.33 -21.48 -19.73
N VAL A 715 -2.11 -22.68 -19.17
CA VAL A 715 -0.84 -23.36 -19.19
C VAL A 715 -1.13 -24.73 -19.77
N ASN A 716 -0.56 -24.96 -20.95
CA ASN A 716 -0.79 -26.13 -21.72
C ASN A 716 0.31 -27.13 -21.51
N GLN A 717 0.06 -28.34 -21.92
CA GLN A 717 1.02 -29.43 -21.82
C GLN A 717 1.69 -29.54 -23.15
N CYS A 718 3.00 -29.35 -23.19
CA CYS A 718 3.74 -29.37 -24.43
C CYS A 718 4.88 -30.36 -24.48
N ARG A 719 5.02 -31.19 -23.46
CA ARG A 719 5.98 -32.28 -23.48
C ARG A 719 5.24 -33.51 -22.96
N ARG A 720 5.98 -34.56 -22.62
CA ARG A 720 5.50 -35.54 -21.65
C ARG A 720 5.71 -34.86 -20.29
N GLN A 721 5.13 -35.40 -19.23
CA GLN A 721 4.35 -36.64 -19.26
C GLN A 721 5.20 -37.80 -18.76
N SER A 722 5.63 -37.73 -17.51
CA SER A 722 6.53 -38.81 -16.99
C SER A 722 5.73 -39.98 -16.34
N GLU A 723 5.08 -39.70 -15.20
CA GLU A 723 4.09 -40.58 -14.49
C GLU A 723 4.02 -40.18 -12.98
N ASP A 724 5.10 -40.44 -12.23
CA ASP A 724 5.31 -39.86 -10.89
C ASP A 724 6.85 -39.76 -10.55
N SER A 725 7.28 -38.64 -9.98
CA SER A 725 8.67 -38.44 -9.63
C SER A 725 8.95 -38.88 -8.19
N THR A 726 7.98 -39.58 -7.59
CA THR A 726 8.11 -40.06 -6.23
C THR A 726 8.87 -39.06 -5.37
N PHE A 727 8.21 -37.96 -5.02
CA PHE A 727 8.82 -36.92 -4.20
C PHE A 727 7.99 -36.65 -2.96
N TYR A 728 7.57 -37.70 -2.28
CA TYR A 728 6.77 -37.58 -1.06
C TYR A 728 7.66 -37.97 0.06
N LEU A 729 8.42 -37.00 0.50
CA LEU A 729 9.19 -37.14 1.71
C LEU A 729 8.26 -37.21 2.95
N GLY A 730 7.06 -36.66 2.82
CA GLY A 730 6.19 -36.45 3.95
C GLY A 730 4.74 -36.56 3.55
N GLU A 731 3.93 -36.99 4.53
CA GLU A 731 2.50 -37.16 4.38
C GLU A 731 1.79 -36.65 5.63
N ARG A 732 0.75 -35.83 5.47
CA ARG A 732 -0.02 -35.37 6.63
C ARG A 732 -1.48 -35.34 6.32
N THR A 733 -2.31 -35.57 7.33
CA THR A 733 -3.69 -35.33 7.04
C THR A 733 -4.32 -34.51 8.16
N TYR A 734 -5.21 -33.62 7.78
CA TYR A 734 -5.90 -32.81 8.73
C TYR A 734 -7.40 -32.92 8.53
N TYR A 735 -8.12 -32.99 9.65
CA TYR A 735 -9.57 -33.01 9.60
C TYR A 735 -10.04 -31.65 10.05
N ILE A 736 -10.73 -30.95 9.15
CA ILE A 736 -11.19 -29.59 9.35
C ILE A 736 -12.65 -29.50 8.93
N ALA A 737 -13.42 -28.71 9.67
CA ALA A 737 -14.82 -28.47 9.33
C ALA A 737 -15.12 -26.97 9.30
N ALA A 738 -16.13 -26.59 8.53
CA ALA A 738 -16.74 -25.28 8.62
C ALA A 738 -17.91 -25.42 9.60
N VAL A 739 -17.83 -24.71 10.72
CA VAL A 739 -18.91 -24.71 11.67
C VAL A 739 -19.48 -23.32 11.83
N GLU A 740 -20.81 -23.26 11.90
CA GLU A 740 -21.50 -22.03 12.20
C GLU A 740 -21.46 -21.85 13.69
N VAL A 741 -21.10 -20.64 14.11
CA VAL A 741 -20.69 -20.37 15.47
C VAL A 741 -21.21 -18.95 15.78
N GLU A 742 -21.43 -18.61 17.05
CA GLU A 742 -21.70 -17.23 17.41
C GLU A 742 -20.36 -16.56 17.72
N TRP A 743 -19.95 -15.59 16.92
CA TRP A 743 -18.63 -14.98 17.09
C TRP A 743 -18.78 -13.62 17.73
N ASP A 744 -17.98 -13.32 18.75
CA ASP A 744 -18.04 -12.02 19.42
C ASP A 744 -16.76 -11.28 19.14
N TYR A 745 -16.84 -10.10 18.55
CA TYR A 745 -15.65 -9.34 18.24
C TYR A 745 -15.07 -8.66 19.46
N SER A 746 -15.89 -8.54 20.52
CA SER A 746 -15.45 -7.88 21.74
C SER A 746 -16.17 -8.44 22.95
N PRO A 747 -15.82 -9.67 23.36
CA PRO A 747 -16.47 -10.36 24.47
C PRO A 747 -16.46 -9.57 25.78
N GLN A 748 -15.44 -8.71 25.94
CA GLN A 748 -15.31 -7.77 27.04
C GLN A 748 -15.06 -6.31 26.56
N ARG A 749 -15.37 -5.36 27.41
CA ARG A 749 -15.24 -3.97 27.02
C ARG A 749 -14.42 -3.14 28.00
N GLU A 750 -13.76 -3.85 28.91
CA GLU A 750 -13.04 -3.25 29.99
C GLU A 750 -11.83 -2.52 29.43
N TRP A 751 -11.07 -3.16 28.53
CA TRP A 751 -9.87 -2.55 27.94
C TRP A 751 -10.16 -1.22 27.27
N GLU A 752 -11.27 -1.19 26.53
CA GLU A 752 -11.78 -0.01 25.86
C GLU A 752 -12.20 1.11 26.81
N LYS A 753 -12.92 0.76 27.86
CA LYS A 753 -13.36 1.74 28.85
C LYS A 753 -12.15 2.39 29.51
N GLU A 754 -11.14 1.57 29.79
CA GLU A 754 -9.94 2.02 30.46
C GLU A 754 -9.15 2.88 29.48
N LEU A 755 -8.83 2.37 28.30
CA LEU A 755 -8.23 3.24 27.25
C LEU A 755 -8.89 4.64 27.14
N HIS A 756 -10.20 4.68 26.94
CA HIS A 756 -10.90 5.95 26.79
C HIS A 756 -10.91 6.83 28.06
N HIS A 757 -11.01 6.19 29.23
CA HIS A 757 -10.81 6.91 30.50
C HIS A 757 -9.43 7.56 30.61
N LEU A 758 -8.39 6.80 30.29
CA LEU A 758 -7.04 7.31 30.34
C LEU A 758 -6.86 8.47 29.36
N GLN A 759 -7.53 8.41 28.21
CA GLN A 759 -7.51 9.49 27.19
C GLN A 759 -8.46 10.67 27.48
N GLU A 760 -9.31 10.52 28.48
CA GLU A 760 -10.33 11.52 28.82
C GLU A 760 -11.31 11.74 27.66
N GLN A 761 -11.77 10.66 27.02
CA GLN A 761 -12.61 10.77 25.81
C GLN A 761 -14.07 10.39 26.00
N ASN A 762 -14.90 11.40 25.69
CA ASN A 762 -16.37 11.44 25.85
C ASN A 762 -17.05 10.62 24.73
N VAL A 763 -16.26 10.32 23.68
CA VAL A 763 -16.56 9.32 22.64
C VAL A 763 -17.45 8.11 23.04
N SER A 764 -18.08 7.54 22.02
CA SER A 764 -18.81 6.28 22.14
C SER A 764 -18.55 5.45 20.86
N ASN A 765 -19.18 4.29 20.73
CA ASN A 765 -18.70 3.30 19.77
C ASN A 765 -19.68 2.91 18.66
N ALA A 766 -19.36 3.36 17.47
CA ALA A 766 -20.22 3.15 16.33
C ALA A 766 -20.44 1.66 16.05
N PHE A 767 -19.44 0.81 16.37
CA PHE A 767 -19.35 -0.57 15.91
C PHE A 767 -19.90 -1.56 16.89
N LEU A 768 -19.90 -1.17 18.16
CA LEU A 768 -20.24 -2.03 19.29
C LEU A 768 -21.49 -1.62 20.07
N ASP A 769 -21.90 -0.34 19.98
CA ASP A 769 -23.09 0.13 20.72
C ASP A 769 -24.33 -0.27 19.95
N LYS A 770 -25.29 -0.90 20.59
CA LYS A 770 -26.50 -1.32 19.87
C LYS A 770 -27.46 -0.14 19.65
N GLY A 771 -27.45 0.77 20.60
CA GLY A 771 -28.50 1.78 20.69
C GLY A 771 -29.87 1.17 20.49
N GLU A 772 -30.64 1.80 19.60
CA GLU A 772 -32.05 1.49 19.41
C GLU A 772 -32.21 0.17 18.65
N PHE A 773 -31.35 -0.07 17.66
CA PHE A 773 -31.54 -1.26 16.82
C PHE A 773 -30.36 -1.84 16.08
N TYR A 774 -29.12 -1.39 16.34
CA TYR A 774 -27.98 -1.93 15.60
C TYR A 774 -27.60 -3.32 16.17
N ILE A 775 -26.68 -4.03 15.54
CA ILE A 775 -26.42 -5.44 15.90
C ILE A 775 -25.54 -5.60 17.14
N GLY A 776 -24.45 -4.85 17.19
CA GLY A 776 -23.49 -4.96 18.29
C GLY A 776 -22.21 -5.71 17.94
N SER A 777 -21.67 -6.45 18.91
CA SER A 777 -20.39 -7.12 18.75
C SER A 777 -20.50 -8.60 18.36
N LYS A 778 -21.71 -9.18 18.44
CA LYS A 778 -21.89 -10.60 18.19
C LYS A 778 -22.64 -10.86 16.88
N TYR A 779 -22.02 -11.63 15.99
CA TYR A 779 -22.64 -12.04 14.73
C TYR A 779 -22.49 -13.54 14.55
N LYS A 780 -23.50 -14.21 13.97
CA LYS A 780 -23.39 -15.59 13.51
C LYS A 780 -22.40 -15.56 12.35
N LYS A 781 -21.36 -16.39 12.44
CA LYS A 781 -20.30 -16.51 11.44
C LYS A 781 -20.03 -17.97 11.08
N VAL A 782 -19.18 -18.21 10.07
CA VAL A 782 -18.74 -19.59 9.78
C VAL A 782 -17.21 -19.64 9.77
N VAL A 783 -16.65 -20.58 10.50
CA VAL A 783 -15.20 -20.60 10.76
C VAL A 783 -14.68 -21.99 10.58
N TYR A 784 -13.40 -22.09 10.29
CA TYR A 784 -12.78 -23.40 10.10
C TYR A 784 -12.41 -23.91 11.47
N ARG A 785 -12.59 -25.19 11.74
CA ARG A 785 -12.05 -25.73 12.99
C ARG A 785 -11.56 -27.14 12.84
N GLN A 786 -10.61 -27.51 13.69
CA GLN A 786 -9.93 -28.77 13.58
C GLN A 786 -10.58 -29.84 14.43
N TYR A 787 -10.73 -31.02 13.84
CA TYR A 787 -11.26 -32.18 14.54
C TYR A 787 -10.19 -33.24 14.59
N THR A 788 -10.39 -34.25 15.42
CA THR A 788 -9.36 -35.21 15.69
C THR A 788 -9.36 -36.35 14.70
N ASP A 789 -10.49 -36.59 14.03
CA ASP A 789 -10.59 -37.71 13.11
C ASP A 789 -11.76 -37.57 12.16
N SER A 790 -12.03 -38.60 11.40
CA SER A 790 -12.94 -38.51 10.28
C SER A 790 -14.42 -38.59 10.70
N THR A 791 -14.69 -38.93 11.95
CA THR A 791 -16.05 -38.95 12.43
C THR A 791 -16.51 -37.53 12.72
N PHE A 792 -15.57 -36.60 12.81
CA PHE A 792 -15.85 -35.23 13.13
C PHE A 792 -16.69 -35.01 14.36
N ARG A 793 -16.57 -35.88 15.35
CA ARG A 793 -17.32 -35.65 16.57
C ARG A 793 -16.53 -35.08 17.77
N VAL A 794 -15.21 -35.02 17.68
CA VAL A 794 -14.40 -34.40 18.75
C VAL A 794 -13.46 -33.35 18.17
N PRO A 795 -13.77 -32.08 18.44
CA PRO A 795 -12.92 -31.00 17.99
C PRO A 795 -11.65 -31.01 18.78
N VAL A 796 -10.57 -30.55 18.17
CA VAL A 796 -9.28 -30.48 18.81
C VAL A 796 -9.27 -29.36 19.83
N GLU A 797 -8.77 -29.60 21.04
CA GLU A 797 -8.65 -28.55 22.05
C GLU A 797 -7.67 -27.49 21.58
N ARG A 798 -8.14 -26.26 21.62
CA ARG A 798 -7.27 -25.09 21.46
C ARG A 798 -6.56 -24.85 22.80
N LYS A 799 -5.24 -24.93 22.79
CA LYS A 799 -4.47 -24.79 24.05
C LYS A 799 -3.89 -23.37 24.10
N ALA A 800 -3.06 -23.09 25.10
CA ALA A 800 -2.61 -21.73 25.41
C ALA A 800 -1.99 -21.07 24.20
N GLU A 801 -1.08 -21.78 23.55
CA GLU A 801 -0.32 -21.25 22.41
C GLU A 801 -1.15 -21.07 21.15
N GLU A 802 -2.38 -21.60 21.13
CA GLU A 802 -3.34 -21.22 20.08
C GLU A 802 -4.55 -20.34 20.50
N GLU A 803 -4.58 -19.83 21.73
CA GLU A 803 -5.68 -18.95 22.08
C GLU A 803 -5.71 -17.75 21.13
N HIS A 804 -4.54 -17.25 20.74
CA HIS A 804 -4.44 -16.05 19.90
C HIS A 804 -4.97 -16.12 18.48
N LEU A 805 -5.33 -17.32 18.02
CA LEU A 805 -5.82 -17.48 16.68
C LEU A 805 -7.17 -16.81 16.47
N GLY A 806 -7.96 -16.70 17.53
CA GLY A 806 -9.29 -16.14 17.41
C GLY A 806 -10.11 -16.74 16.29
N ILE A 807 -10.51 -15.89 15.37
CA ILE A 807 -11.39 -16.29 14.29
C ILE A 807 -10.70 -17.22 13.34
N LEU A 808 -9.36 -17.14 13.25
CA LEU A 808 -8.60 -17.93 12.31
C LEU A 808 -8.85 -19.41 12.52
N GLY A 809 -8.81 -20.15 11.41
CA GLY A 809 -8.78 -21.61 11.44
C GLY A 809 -7.47 -22.06 12.03
N PRO A 810 -7.31 -23.36 12.30
CA PRO A 810 -6.10 -23.82 12.91
C PRO A 810 -4.90 -23.50 12.04
N GLN A 811 -3.75 -23.33 12.68
CA GLN A 811 -2.48 -23.08 12.00
C GLN A 811 -1.94 -24.44 11.56
N LEU A 812 -2.09 -24.72 10.28
CA LEU A 812 -1.61 -25.95 9.66
C LEU A 812 -0.12 -25.86 9.32
N HIS A 813 0.63 -26.94 9.54
CA HIS A 813 2.03 -26.98 9.19
C HIS A 813 2.28 -27.96 8.09
N ALA A 814 3.20 -27.61 7.22
CA ALA A 814 3.67 -28.53 6.21
C ALA A 814 5.16 -28.28 5.91
N ASP A 815 5.87 -29.30 5.45
CA ASP A 815 7.23 -29.14 4.99
C ASP A 815 7.27 -29.29 3.50
N VAL A 816 8.21 -28.63 2.85
CA VAL A 816 8.54 -28.91 1.48
C VAL A 816 8.80 -30.38 1.34
N GLY A 817 8.17 -31.01 0.35
CA GLY A 817 8.21 -32.45 0.19
C GLY A 817 6.91 -33.15 0.56
N ASP A 818 6.11 -32.52 1.43
CA ASP A 818 4.86 -33.12 1.88
C ASP A 818 3.73 -33.19 0.85
N LYS A 819 2.91 -34.23 1.00
CA LYS A 819 1.54 -34.28 0.47
C LYS A 819 0.58 -34.14 1.68
N VAL A 820 -0.28 -33.11 1.64
CA VAL A 820 -1.20 -32.81 2.72
C VAL A 820 -2.66 -33.13 2.32
N LYS A 821 -3.21 -34.21 2.84
CA LYS A 821 -4.63 -34.48 2.72
C LYS A 821 -5.44 -33.60 3.70
N ILE A 822 -6.36 -32.81 3.17
CA ILE A 822 -7.38 -32.10 3.97
C ILE A 822 -8.72 -32.81 3.80
N ILE A 823 -9.16 -33.48 4.87
CA ILE A 823 -10.51 -34.01 4.97
C ILE A 823 -11.39 -32.94 5.57
N PHE A 824 -12.27 -32.41 4.73
CA PHE A 824 -13.08 -31.24 5.03
C PHE A 824 -14.59 -31.56 5.15
N LYS A 825 -15.16 -31.34 6.34
CA LYS A 825 -16.59 -31.53 6.53
C LYS A 825 -17.24 -30.18 6.63
N ASN A 826 -18.29 -30.01 5.83
CA ASN A 826 -19.09 -28.81 5.87
C ASN A 826 -20.25 -29.02 6.81
N MET A 827 -20.13 -28.56 8.05
CA MET A 827 -21.25 -28.61 9.03
C MET A 827 -22.15 -27.35 8.96
N ALA A 828 -21.94 -26.52 7.94
CA ALA A 828 -22.70 -25.30 7.76
C ALA A 828 -23.89 -25.52 6.82
N THR A 829 -24.58 -24.43 6.48
CA THR A 829 -25.86 -24.54 5.80
C THR A 829 -25.87 -24.07 4.38
N ARG A 830 -24.73 -23.70 3.83
CA ARG A 830 -24.58 -23.49 2.37
C ARG A 830 -23.22 -24.05 1.87
N PRO A 831 -23.04 -24.14 0.56
CA PRO A 831 -21.77 -24.71 0.08
C PRO A 831 -20.52 -23.91 0.48
N TYR A 832 -19.43 -24.61 0.76
CA TYR A 832 -18.14 -23.98 1.02
C TYR A 832 -17.03 -24.91 0.57
N SER A 833 -15.84 -24.35 0.45
CA SER A 833 -14.69 -25.15 0.22
C SER A 833 -13.51 -24.68 1.09
N ILE A 834 -12.35 -25.26 0.83
CA ILE A 834 -11.08 -24.89 1.45
C ILE A 834 -9.97 -25.08 0.41
N HIS A 835 -9.10 -24.08 0.31
CA HIS A 835 -8.02 -24.05 -0.65
C HIS A 835 -6.94 -23.15 -0.08
N ALA A 836 -5.68 -23.41 -0.36
CA ALA A 836 -4.62 -22.56 0.14
C ALA A 836 -3.88 -21.90 -1.00
N HIS A 837 -3.49 -20.64 -0.82
CA HIS A 837 -2.44 -20.01 -1.62
C HIS A 837 -1.19 -20.91 -1.56
N GLY A 838 -0.31 -20.75 -2.55
CA GLY A 838 1.02 -21.34 -2.55
C GLY A 838 1.17 -22.82 -2.91
N VAL A 839 0.19 -23.55 -2.52
CA VAL A 839 0.17 -24.98 -2.59
C VAL A 839 -0.09 -25.38 -4.06
N GLN A 840 0.39 -26.54 -4.47
CA GLN A 840 0.09 -27.10 -5.76
C GLN A 840 -1.02 -28.15 -5.67
N THR A 841 -1.96 -28.12 -6.61
CA THR A 841 -2.96 -29.14 -6.72
C THR A 841 -2.94 -29.64 -8.14
N GLU A 842 -3.64 -30.74 -8.38
CA GLU A 842 -3.77 -31.39 -9.70
C GLU A 842 -4.70 -30.70 -10.68
N SER A 843 -5.69 -29.97 -10.18
CA SER A 843 -6.72 -29.38 -11.01
C SER A 843 -6.77 -27.91 -10.69
N SER A 844 -7.21 -27.12 -11.67
CA SER A 844 -7.46 -25.71 -11.43
C SER A 844 -8.80 -25.46 -10.75
N THR A 845 -9.74 -26.41 -10.73
CA THR A 845 -11.03 -26.08 -10.11
C THR A 845 -11.07 -26.65 -8.69
N VAL A 846 -11.71 -25.94 -7.76
CA VAL A 846 -11.91 -26.45 -6.43
C VAL A 846 -13.38 -26.84 -6.27
N THR A 847 -13.64 -28.11 -6.01
CA THR A 847 -15.01 -28.61 -5.88
C THR A 847 -15.72 -28.09 -4.63
N PRO A 848 -16.95 -27.59 -4.78
CA PRO A 848 -17.66 -27.16 -3.54
C PRO A 848 -18.07 -28.36 -2.69
N THR A 849 -17.99 -28.22 -1.38
CA THR A 849 -18.46 -29.24 -0.47
C THR A 849 -19.83 -28.82 -0.03
N LEU A 850 -20.82 -29.68 -0.20
CA LEU A 850 -22.19 -29.30 0.13
C LEU A 850 -22.39 -29.49 1.63
N PRO A 851 -23.50 -28.96 2.19
CA PRO A 851 -23.80 -29.18 3.58
C PRO A 851 -23.91 -30.65 3.94
N GLY A 852 -23.28 -31.05 5.05
CA GLY A 852 -23.22 -32.48 5.49
C GLY A 852 -22.17 -33.34 4.77
N GLU A 853 -21.69 -32.89 3.62
CA GLU A 853 -20.71 -33.66 2.88
C GLU A 853 -19.32 -33.53 3.51
N THR A 854 -18.52 -34.56 3.30
CA THR A 854 -17.12 -34.43 3.52
C THR A 854 -16.37 -34.78 2.22
N LEU A 855 -15.52 -33.85 1.77
CA LEU A 855 -14.65 -34.09 0.63
C LEU A 855 -13.19 -34.11 1.06
N THR A 856 -12.35 -34.61 0.17
CA THR A 856 -10.91 -34.63 0.37
C THR A 856 -10.23 -33.71 -0.65
N TYR A 857 -9.38 -32.81 -0.17
CA TYR A 857 -8.56 -31.97 -1.02
C TYR A 857 -7.07 -32.32 -0.71
N VAL A 858 -6.27 -32.40 -1.77
CA VAL A 858 -4.90 -32.80 -1.67
C VAL A 858 -4.06 -31.64 -2.04
N TRP A 859 -3.18 -31.22 -1.15
CA TRP A 859 -2.31 -30.07 -1.40
C TRP A 859 -0.91 -30.60 -1.44
N LYS A 860 -0.27 -30.56 -2.60
CA LYS A 860 1.14 -30.92 -2.71
C LYS A 860 2.03 -29.67 -2.37
N ILE A 861 3.18 -29.94 -1.77
CA ILE A 861 4.10 -28.88 -1.35
C ILE A 861 5.50 -29.06 -1.98
N PRO A 862 5.59 -28.82 -3.28
CA PRO A 862 6.89 -28.83 -3.93
C PRO A 862 7.75 -27.65 -3.49
N GLU A 863 9.01 -27.69 -3.90
CA GLU A 863 9.94 -26.61 -3.59
C GLU A 863 9.36 -25.22 -3.82
N ARG A 864 8.60 -25.06 -4.89
CA ARG A 864 8.04 -23.75 -5.19
C ARG A 864 6.90 -23.35 -4.29
N SER A 865 6.49 -24.20 -3.38
CA SER A 865 5.43 -23.82 -2.46
C SER A 865 6.03 -23.31 -1.15
N GLY A 866 7.35 -23.27 -1.08
CA GLY A 866 8.03 -22.92 0.13
C GLY A 866 9.01 -21.81 -0.08
N ALA A 867 9.90 -21.63 0.87
CA ALA A 867 10.77 -20.47 0.88
C ALA A 867 11.54 -20.34 -0.39
N GLY A 868 11.65 -19.11 -0.90
CA GLY A 868 12.70 -18.77 -1.85
C GLY A 868 14.03 -18.61 -1.15
N THR A 869 15.10 -18.36 -1.91
CA THR A 869 16.45 -18.31 -1.35
C THR A 869 16.60 -17.18 -0.37
N GLU A 870 15.77 -16.15 -0.44
CA GLU A 870 15.88 -15.00 0.48
C GLU A 870 14.75 -14.90 1.52
N ASP A 871 13.90 -15.93 1.61
CA ASP A 871 12.87 -16.01 2.63
C ASP A 871 13.48 -16.61 3.88
N SER A 872 12.83 -16.42 5.01
CA SER A 872 13.09 -17.24 6.19
C SER A 872 12.61 -18.67 5.93
N ALA A 873 12.86 -19.58 6.87
CA ALA A 873 12.66 -21.02 6.63
C ALA A 873 11.18 -21.36 6.58
N CYS A 874 10.39 -20.60 7.30
CA CYS A 874 8.97 -20.87 7.36
C CYS A 874 8.28 -19.66 6.79
N ILE A 875 7.31 -19.90 5.89
CA ILE A 875 6.50 -18.82 5.34
C ILE A 875 5.03 -19.18 5.39
N PRO A 876 4.16 -18.16 5.41
CA PRO A 876 2.74 -18.38 5.62
C PRO A 876 1.93 -18.14 4.37
N TRP A 877 0.87 -18.90 4.19
CA TRP A 877 -0.07 -18.72 3.12
C TRP A 877 -1.51 -18.79 3.67
N ALA A 878 -2.40 -17.95 3.18
CA ALA A 878 -3.81 -17.99 3.59
C ALA A 878 -4.47 -19.21 2.99
N TYR A 879 -5.30 -19.86 3.79
CA TYR A 879 -6.32 -20.76 3.24
C TYR A 879 -7.70 -20.13 3.49
N TYR A 880 -8.65 -20.48 2.61
CA TYR A 880 -9.86 -19.72 2.39
C TYR A 880 -10.75 -20.55 1.47
N SER A 881 -12.05 -20.18 1.40
CA SER A 881 -13.06 -20.87 0.63
C SER A 881 -13.21 -20.20 -0.70
N THR A 882 -13.42 -20.95 -1.79
CA THR A 882 -13.46 -20.41 -3.14
C THR A 882 -14.85 -20.31 -3.79
N VAL A 883 -15.90 -20.76 -3.12
CA VAL A 883 -17.22 -20.78 -3.74
C VAL A 883 -17.75 -19.36 -3.98
N ASP A 884 -17.45 -18.46 -3.05
CA ASP A 884 -17.70 -17.03 -3.19
C ASP A 884 -16.66 -16.34 -2.40
N GLN A 885 -15.57 -15.96 -3.07
CA GLN A 885 -14.36 -15.62 -2.31
C GLN A 885 -14.53 -14.38 -1.42
N VAL A 886 -15.36 -13.45 -1.86
CA VAL A 886 -15.60 -12.25 -1.10
C VAL A 886 -16.43 -12.58 0.15
N LYS A 887 -17.60 -13.16 -0.06
CA LYS A 887 -18.58 -13.36 0.99
C LYS A 887 -18.18 -14.46 1.98
N ASP A 888 -17.67 -15.57 1.45
CA ASP A 888 -17.17 -16.66 2.30
C ASP A 888 -16.11 -16.15 3.25
N LEU A 889 -15.26 -15.23 2.79
CA LEU A 889 -14.22 -14.66 3.63
C LEU A 889 -14.83 -13.79 4.72
N TYR A 890 -15.59 -12.79 4.32
CA TYR A 890 -16.22 -11.92 5.30
C TYR A 890 -17.11 -12.66 6.26
N SER A 891 -17.63 -13.78 5.81
CA SER A 891 -18.44 -14.61 6.67
C SER A 891 -17.62 -15.33 7.75
N GLY A 892 -16.30 -15.46 7.57
CA GLY A 892 -15.44 -15.99 8.65
C GLY A 892 -14.43 -17.05 8.28
N LEU A 893 -14.40 -17.51 7.04
CA LEU A 893 -13.55 -18.66 6.66
C LEU A 893 -12.19 -18.17 6.22
N ILE A 894 -11.20 -18.34 7.11
CA ILE A 894 -9.85 -17.89 6.83
C ILE A 894 -8.92 -18.57 7.81
N GLY A 895 -7.73 -18.95 7.33
CA GLY A 895 -6.70 -19.59 8.18
C GLY A 895 -5.29 -19.50 7.60
N PRO A 896 -4.29 -19.88 8.39
CA PRO A 896 -2.91 -19.81 7.98
C PRO A 896 -2.30 -21.18 7.78
N LEU A 897 -1.63 -21.38 6.64
CA LEU A 897 -0.88 -22.59 6.40
C LEU A 897 0.57 -22.17 6.46
N ILE A 898 1.36 -22.81 7.33
CA ILE A 898 2.76 -22.48 7.41
C ILE A 898 3.58 -23.55 6.76
N VAL A 899 4.34 -23.17 5.76
CA VAL A 899 5.17 -24.12 5.01
C VAL A 899 6.60 -23.86 5.35
N CYS A 900 7.31 -24.93 5.71
CA CYS A 900 8.70 -24.83 6.18
C CYS A 900 9.64 -25.65 5.33
N ARG A 901 10.89 -25.17 5.26
CA ARG A 901 11.98 -25.82 4.52
C ARG A 901 12.44 -27.12 5.17
N ARG A 902 13.72 -27.22 5.49
CA ARG A 902 14.40 -28.52 5.50
C ARG A 902 14.79 -28.85 6.94
N PRO A 903 14.27 -29.98 7.49
CA PRO A 903 14.70 -30.40 8.85
C PRO A 903 16.22 -30.33 9.16
N TYR A 904 17.11 -30.51 8.16
CA TYR A 904 18.58 -30.33 8.35
C TYR A 904 19.39 -30.56 7.05
N ASN A 909 19.55 -23.54 19.22
CA ASN A 909 19.78 -24.83 19.90
C ASN A 909 19.17 -24.88 21.33
N PRO A 910 19.61 -23.96 22.26
CA PRO A 910 18.85 -23.85 23.52
C PRO A 910 17.48 -23.09 23.38
N ARG A 911 17.43 -22.06 22.52
CA ARG A 911 16.37 -21.04 22.58
C ARG A 911 14.99 -21.49 22.08
N ARG A 912 13.96 -21.05 22.82
CA ARG A 912 12.56 -21.39 22.59
C ARG A 912 12.05 -20.56 21.42
N LYS A 913 11.36 -21.24 20.49
CA LYS A 913 10.80 -20.66 19.27
C LYS A 913 9.28 -20.66 19.37
N LEU A 914 8.65 -19.52 19.14
CA LEU A 914 7.22 -19.41 19.27
C LEU A 914 6.71 -18.98 17.94
N GLU A 915 5.40 -19.18 17.70
CA GLU A 915 4.75 -18.77 16.47
C GLU A 915 3.41 -18.09 16.73
N PHE A 916 3.14 -16.98 16.05
CA PHE A 916 1.86 -16.31 16.16
C PHE A 916 1.38 -15.90 14.78
N ALA A 917 0.17 -16.28 14.38
CA ALA A 917 -0.40 -15.76 13.11
C ALA A 917 -1.32 -14.63 13.41
N LEU A 918 -1.20 -13.52 12.68
CA LEU A 918 -2.12 -12.39 12.82
C LEU A 918 -2.73 -11.99 11.50
N LEU A 919 -4.06 -11.96 11.44
CA LEU A 919 -4.84 -11.47 10.30
C LEU A 919 -5.34 -10.07 10.55
N PHE A 920 -4.86 -9.12 9.75
CA PHE A 920 -5.38 -7.79 9.83
C PHE A 920 -6.47 -7.68 8.79
N LEU A 921 -7.72 -7.61 9.22
CA LEU A 921 -8.84 -7.57 8.29
C LEU A 921 -9.96 -6.77 8.91
N VAL A 922 -10.58 -5.91 8.13
CA VAL A 922 -11.83 -5.29 8.52
C VAL A 922 -12.95 -6.26 8.14
N PHE A 923 -13.54 -6.93 9.12
CA PHE A 923 -14.64 -7.81 8.77
C PHE A 923 -15.85 -6.97 8.42
N ASP A 924 -16.25 -7.06 7.17
CA ASP A 924 -17.42 -6.35 6.67
C ASP A 924 -18.67 -7.20 6.83
N GLU A 925 -19.24 -7.22 8.02
CA GLU A 925 -20.47 -7.98 8.25
C GLU A 925 -21.63 -7.68 7.30
N ASN A 926 -21.59 -6.56 6.57
CA ASN A 926 -22.64 -6.28 5.55
C ASN A 926 -22.60 -7.26 4.39
N GLU A 927 -21.48 -7.95 4.21
CA GLU A 927 -21.30 -8.90 3.12
C GLU A 927 -21.41 -10.37 3.55
N SER A 928 -21.51 -10.63 4.85
CA SER A 928 -21.71 -11.99 5.32
C SER A 928 -22.99 -12.61 4.78
N TRP A 929 -22.96 -13.91 4.55
CA TRP A 929 -24.15 -14.63 4.14
C TRP A 929 -25.17 -14.60 5.28
N TYR A 930 -24.73 -14.22 6.47
CA TYR A 930 -25.57 -14.30 7.68
C TYR A 930 -26.19 -12.95 8.13
N LEU A 931 -26.10 -11.91 7.29
CA LEU A 931 -26.60 -10.58 7.59
C LEU A 931 -28.07 -10.60 8.03
N ASP A 932 -28.92 -11.22 7.21
CA ASP A 932 -30.34 -11.27 7.50
C ASP A 932 -30.58 -11.92 8.87
N ASP A 933 -29.95 -13.08 9.11
CA ASP A 933 -30.10 -13.80 10.38
C ASP A 933 -29.67 -12.90 11.54
N ASN A 934 -28.54 -12.21 11.33
CA ASN A 934 -28.00 -11.37 12.35
C ASN A 934 -28.84 -10.13 12.66
N ILE A 935 -29.62 -9.66 11.69
CA ILE A 935 -30.60 -8.65 11.97
C ILE A 935 -31.74 -9.25 12.85
N LYS A 936 -32.35 -10.34 12.36
CA LYS A 936 -33.46 -11.04 13.05
C LYS A 936 -33.05 -11.47 14.47
N THR A 937 -31.84 -11.96 14.64
CA THR A 937 -31.39 -12.40 15.96
C THR A 937 -30.97 -11.26 16.90
N TYR A 938 -30.24 -10.27 16.42
CA TYR A 938 -29.54 -9.33 17.35
C TYR A 938 -30.09 -7.91 17.42
N SER A 939 -30.79 -7.43 16.38
CA SER A 939 -31.40 -6.09 16.47
C SER A 939 -32.66 -6.12 17.34
N ASP A 940 -32.75 -5.17 18.26
CA ASP A 940 -33.95 -5.08 19.11
C ASP A 940 -35.20 -4.72 18.29
N HIS A 941 -35.04 -3.96 17.21
CA HIS A 941 -36.16 -3.61 16.34
C HIS A 941 -35.78 -3.79 14.87
N PRO A 942 -35.68 -5.05 14.40
CA PRO A 942 -35.19 -5.40 13.05
C PRO A 942 -35.89 -4.70 11.88
N GLU A 943 -37.11 -4.25 12.13
CA GLU A 943 -37.99 -3.67 11.11
C GLU A 943 -37.45 -2.32 10.66
N LYS A 944 -36.68 -1.70 11.54
CA LYS A 944 -36.19 -0.35 11.38
C LYS A 944 -34.80 -0.36 10.74
N VAL A 945 -34.30 -1.52 10.36
CA VAL A 945 -32.99 -1.59 9.77
C VAL A 945 -33.16 -1.37 8.29
N ASN A 946 -32.30 -0.54 7.71
CA ASN A 946 -32.25 -0.32 6.27
C ASN A 946 -30.85 -0.72 5.83
N LYS A 947 -30.72 -1.83 5.12
CA LYS A 947 -29.40 -2.32 4.81
C LYS A 947 -28.52 -1.35 4.02
N ASP A 948 -29.14 -0.43 3.29
CA ASP A 948 -28.43 0.53 2.45
C ASP A 948 -28.06 1.86 3.15
N ASP A 949 -28.44 2.06 4.41
CA ASP A 949 -28.13 3.30 5.13
C ASP A 949 -26.65 3.38 5.57
N GLU A 950 -25.96 4.48 5.25
CA GLU A 950 -24.52 4.62 5.48
C GLU A 950 -24.11 4.36 6.95
N GLU A 951 -24.97 4.75 7.90
CA GLU A 951 -24.70 4.51 9.35
C GLU A 951 -24.79 3.05 9.80
N PHE A 952 -25.75 2.33 9.22
CA PHE A 952 -25.87 0.91 9.49
C PHE A 952 -24.68 0.19 8.85
N ILE A 953 -24.39 0.52 7.61
CA ILE A 953 -23.23 -0.02 6.94
C ILE A 953 -21.99 0.11 7.86
N GLU A 954 -21.74 1.28 8.44
CA GLU A 954 -20.52 1.45 9.23
C GLU A 954 -20.54 0.57 10.46
N SER A 955 -21.72 0.39 11.06
CA SER A 955 -21.90 -0.34 12.33
C SER A 955 -21.46 -1.82 12.27
N ASN A 956 -21.50 -2.37 11.06
CA ASN A 956 -21.04 -3.72 10.75
C ASN A 956 -19.65 -3.87 10.18
N LYS A 957 -18.84 -2.81 10.18
CA LYS A 957 -17.46 -2.94 9.67
C LYS A 957 -16.57 -3.08 10.89
N MET A 958 -16.14 -4.31 11.15
CA MET A 958 -15.50 -4.64 12.41
C MET A 958 -14.00 -4.71 12.19
N HIS A 959 -13.30 -3.64 12.56
CA HIS A 959 -11.88 -3.49 12.29
C HIS A 959 -11.09 -4.29 13.29
N ALA A 960 -10.76 -5.54 12.96
CA ALA A 960 -10.25 -6.51 13.91
C ALA A 960 -8.85 -7.05 13.58
N ILE A 961 -8.25 -7.74 14.57
CA ILE A 961 -7.06 -8.57 14.41
C ILE A 961 -7.49 -9.97 14.80
N ASN A 962 -7.40 -10.93 13.90
CA ASN A 962 -7.93 -12.27 14.16
C ASN A 962 -9.36 -12.16 14.69
N GLY A 963 -10.09 -11.17 14.20
CA GLY A 963 -11.49 -11.04 14.56
C GLY A 963 -11.76 -10.59 15.98
N ARG A 964 -10.75 -9.98 16.59
CA ARG A 964 -10.97 -9.34 17.91
C ARG A 964 -10.50 -7.87 17.93
N MET A 965 -11.22 -7.05 18.70
CA MET A 965 -10.94 -5.62 18.80
C MET A 965 -10.63 -5.20 20.23
N PHE A 966 -9.97 -4.05 20.32
CA PHE A 966 -9.75 -3.32 21.58
C PHE A 966 -9.19 -4.24 22.63
N GLY A 967 -8.10 -4.92 22.27
CA GLY A 967 -7.41 -5.76 23.24
C GLY A 967 -8.17 -6.98 23.68
N ASN A 968 -9.11 -7.41 22.85
CA ASN A 968 -9.79 -8.65 23.09
C ASN A 968 -9.05 -9.87 22.49
N LEU A 969 -7.84 -9.69 21.97
CA LEU A 969 -7.07 -10.82 21.46
C LEU A 969 -6.00 -11.15 22.48
N GLN A 970 -6.20 -12.25 23.17
CA GLN A 970 -5.31 -12.72 24.23
C GLN A 970 -4.33 -13.73 23.67
N GLY A 971 -3.38 -14.13 24.51
CA GLY A 971 -2.53 -15.27 24.22
C GLY A 971 -1.21 -14.96 23.53
N LEU A 972 -0.98 -13.69 23.20
CA LEU A 972 0.28 -13.23 22.69
C LEU A 972 1.19 -13.03 23.88
N THR A 973 1.84 -14.09 24.31
CA THR A 973 2.58 -14.06 25.52
C THR A 973 3.93 -14.78 25.27
N MET A 974 5.03 -14.19 25.70
CA MET A 974 6.37 -14.69 25.40
C MET A 974 7.43 -14.25 26.41
N HIS A 975 8.62 -14.83 26.35
CA HIS A 975 9.67 -14.50 27.32
C HIS A 975 10.92 -13.81 26.73
N VAL A 976 11.53 -12.92 27.50
CA VAL A 976 12.87 -12.44 27.17
C VAL A 976 13.71 -13.66 26.79
N GLY A 977 14.48 -13.56 25.69
CA GLY A 977 15.34 -14.64 25.18
C GLY A 977 14.72 -15.56 24.13
N ASP A 978 13.39 -15.53 23.99
CA ASP A 978 12.74 -16.34 22.98
C ASP A 978 13.02 -15.76 21.60
N GLU A 979 12.73 -16.58 20.59
CA GLU A 979 12.57 -16.14 19.21
C GLU A 979 11.12 -16.27 18.85
N VAL A 980 10.57 -15.25 18.20
CA VAL A 980 9.20 -15.29 17.81
C VAL A 980 9.05 -14.95 16.35
N ASN A 981 8.42 -15.88 15.65
CA ASN A 981 8.02 -15.71 14.30
C ASN A 981 6.62 -15.16 14.33
N TRP A 982 6.41 -13.99 13.74
CA TRP A 982 5.08 -13.45 13.57
C TRP A 982 4.66 -13.65 12.16
N TYR A 983 3.50 -14.22 11.94
CA TYR A 983 3.06 -14.43 10.60
C TYR A 983 1.94 -13.49 10.35
N LEU A 984 2.28 -12.43 9.61
CA LEU A 984 1.32 -11.39 9.28
C LEU A 984 0.63 -11.75 8.01
N MET A 985 -0.69 -11.63 8.03
CA MET A 985 -1.53 -11.83 6.85
C MET A 985 -2.54 -10.70 6.68
N GLY A 986 -2.74 -10.31 5.41
CA GLY A 986 -3.74 -9.33 5.03
C GLY A 986 -4.75 -9.83 4.02
N MET A 987 -5.99 -9.34 4.10
CA MET A 987 -7.01 -9.62 3.07
C MET A 987 -7.94 -8.43 3.08
N GLY A 988 -8.94 -8.42 2.20
CA GLY A 988 -10.06 -7.46 2.25
C GLY A 988 -10.16 -6.49 1.10
N ASN A 989 -10.59 -5.25 1.40
CA ASN A 989 -10.94 -4.24 0.38
C ASN A 989 -9.90 -3.13 0.21
N GLU A 990 -10.21 -2.13 -0.64
CA GLU A 990 -9.36 -0.93 -0.88
C GLU A 990 -8.83 -0.32 0.42
N ILE A 991 -9.76 -0.27 1.36
CA ILE A 991 -9.62 0.16 2.73
C ILE A 991 -8.63 -0.63 3.57
N ASP A 992 -8.37 -1.86 3.20
CA ASP A 992 -7.57 -2.73 4.01
C ASP A 992 -6.07 -2.53 3.84
N LEU A 993 -5.63 -1.29 3.97
CA LEU A 993 -4.21 -1.09 4.21
C LEU A 993 -3.95 -1.04 5.69
N HIS A 994 -2.93 -1.78 6.09
CA HIS A 994 -2.68 -1.95 7.46
C HIS A 994 -1.18 -1.83 7.71
N THR A 995 -0.79 -0.89 8.55
CA THR A 995 0.57 -0.72 8.89
C THR A 995 0.81 -1.22 10.28
N VAL A 996 1.33 -2.43 10.39
CA VAL A 996 1.37 -3.14 11.65
C VAL A 996 2.57 -2.73 12.44
N HIS A 997 2.32 -2.36 13.69
CA HIS A 997 3.37 -1.80 14.50
C HIS A 997 3.40 -2.40 15.89
N PHE A 998 4.60 -2.75 16.35
CA PHE A 998 4.80 -3.35 17.67
C PHE A 998 5.50 -2.33 18.54
N HIS A 999 4.89 -1.98 19.65
CA HIS A 999 5.50 -1.06 20.59
C HIS A 999 6.62 -1.80 21.32
N GLY A 1000 7.71 -1.13 21.59
CA GLY A 1000 8.75 -1.71 22.43
C GLY A 1000 9.74 -2.61 21.73
N HIS A 1001 9.42 -3.09 20.54
CA HIS A 1001 10.34 -4.00 19.91
C HIS A 1001 10.34 -3.82 18.44
N SER A 1002 11.47 -4.11 17.85
CA SER A 1002 11.53 -4.24 16.42
C SER A 1002 11.47 -5.71 16.03
N PHE A 1003 11.32 -5.89 14.74
CA PHE A 1003 11.43 -7.16 14.12
C PHE A 1003 12.45 -7.13 12.99
N GLN A 1004 12.89 -8.30 12.57
CA GLN A 1004 13.73 -8.43 11.39
C GLN A 1004 13.03 -9.31 10.41
N TYR A 1005 13.42 -9.19 9.14
CA TYR A 1005 12.84 -10.06 8.14
C TYR A 1005 13.75 -10.37 6.98
N LYS A 1006 13.37 -11.38 6.21
CA LYS A 1006 14.25 -11.92 5.19
C LYS A 1006 15.19 -12.95 5.81
N HIS A 1007 15.84 -13.72 4.94
CA HIS A 1007 16.75 -14.77 5.34
C HIS A 1007 17.88 -14.14 6.20
N ARG A 1008 18.18 -14.78 7.33
CA ARG A 1008 19.19 -14.29 8.29
C ARG A 1008 18.89 -12.89 8.85
N GLY A 1009 17.62 -12.47 8.86
CA GLY A 1009 17.22 -11.21 9.52
C GLY A 1009 17.84 -9.96 8.96
N VAL A 1010 18.06 -9.98 7.66
CA VAL A 1010 18.86 -9.00 6.97
C VAL A 1010 18.29 -7.56 6.94
N TYR A 1011 16.98 -7.42 6.81
CA TYR A 1011 16.32 -6.09 6.91
C TYR A 1011 15.65 -5.95 8.29
N SER A 1012 15.38 -4.71 8.69
CA SER A 1012 14.97 -4.42 10.09
C SER A 1012 14.02 -3.26 10.17
N SER A 1013 13.02 -3.32 11.05
CA SER A 1013 12.01 -2.27 11.15
C SER A 1013 11.04 -2.55 12.29
N ASP A 1014 10.10 -1.62 12.49
CA ASP A 1014 9.04 -1.73 13.50
C ASP A 1014 7.62 -1.41 12.99
N VAL A 1015 7.49 -1.05 11.71
CA VAL A 1015 6.19 -1.07 11.06
C VAL A 1015 6.31 -1.94 9.79
N PHE A 1016 5.37 -2.86 9.59
CA PHE A 1016 5.28 -3.63 8.34
C PHE A 1016 4.01 -3.37 7.60
N ASP A 1017 4.12 -3.09 6.29
CA ASP A 1017 2.95 -2.78 5.49
C ASP A 1017 2.23 -4.06 5.09
N ILE A 1018 0.94 -4.14 5.41
CA ILE A 1018 0.12 -5.30 5.10
C ILE A 1018 -1.09 -4.93 4.27
N PHE A 1019 -1.33 -5.64 3.17
CA PHE A 1019 -2.42 -5.33 2.28
C PHE A 1019 -3.06 -6.64 1.94
N PRO A 1020 -4.16 -6.59 1.17
CA PRO A 1020 -4.76 -7.84 0.79
C PRO A 1020 -3.80 -8.69 -0.04
N GLY A 1021 -3.58 -9.92 0.43
CA GLY A 1021 -2.68 -10.85 -0.23
C GLY A 1021 -1.27 -10.84 0.36
N THR A 1022 -1.02 -9.94 1.30
CA THR A 1022 0.32 -9.85 1.86
C THR A 1022 0.41 -10.80 3.03
N TYR A 1023 1.32 -11.75 2.88
CA TYR A 1023 1.70 -12.74 3.85
C TYR A 1023 3.22 -12.67 4.10
N GLN A 1024 3.59 -12.43 5.35
CA GLN A 1024 4.99 -12.17 5.67
C GLN A 1024 5.36 -12.79 6.99
N THR A 1025 6.59 -13.28 7.07
CA THR A 1025 7.08 -13.72 8.33
C THR A 1025 8.13 -12.76 8.87
N LEU A 1026 7.92 -12.32 10.12
CA LEU A 1026 8.81 -11.45 10.84
C LEU A 1026 9.43 -12.19 12.03
N GLU A 1027 10.75 -12.01 12.25
CA GLU A 1027 11.42 -12.53 13.44
C GLU A 1027 11.48 -11.42 14.47
N MET A 1028 11.22 -11.80 15.72
CA MET A 1028 11.36 -10.88 16.84
C MET A 1028 12.15 -11.57 17.96
N PHE A 1029 13.08 -10.85 18.58
CA PHE A 1029 13.82 -11.31 19.73
C PHE A 1029 13.47 -10.37 20.85
N PRO A 1030 12.38 -10.65 21.56
CA PRO A 1030 12.00 -9.83 22.68
C PRO A 1030 13.06 -9.75 23.73
N ARG A 1031 13.32 -8.52 24.19
CA ARG A 1031 14.24 -8.26 25.31
C ARG A 1031 13.65 -7.45 26.49
N THR A 1032 12.62 -6.64 26.30
CA THR A 1032 12.11 -5.78 27.37
C THR A 1032 10.77 -6.25 27.98
N PRO A 1033 10.77 -6.62 29.25
CA PRO A 1033 9.52 -7.06 29.91
C PRO A 1033 8.50 -5.96 29.96
N GLY A 1034 7.23 -6.32 29.75
CA GLY A 1034 6.16 -5.35 29.76
C GLY A 1034 4.96 -5.84 28.99
N ILE A 1035 3.85 -5.13 29.12
CA ILE A 1035 2.72 -5.34 28.27
C ILE A 1035 2.71 -4.23 27.27
N TRP A 1036 2.78 -4.61 26.02
CA TRP A 1036 3.05 -3.68 24.96
C TRP A 1036 1.97 -3.69 23.91
N LEU A 1037 1.69 -2.52 23.38
CA LEU A 1037 0.62 -2.35 22.42
C LEU A 1037 1.06 -2.81 21.04
N LEU A 1038 0.09 -3.43 20.37
CA LEU A 1038 0.24 -3.87 19.00
C LEU A 1038 -0.93 -3.35 18.23
N HIS A 1039 -0.65 -2.59 17.18
CA HIS A 1039 -1.71 -1.97 16.41
C HIS A 1039 -1.31 -1.60 14.99
N CYS A 1040 -2.36 -1.37 14.20
CA CYS A 1040 -2.26 -0.73 12.88
C CYS A 1040 -2.14 0.77 13.08
N HIS A 1041 -1.31 1.45 12.29
CA HIS A 1041 -1.03 2.84 12.57
C HIS A 1041 -1.92 3.72 11.70
N VAL A 1042 -2.85 3.15 10.92
CA VAL A 1042 -3.79 4.02 10.19
C VAL A 1042 -4.91 4.57 11.13
N THR A 1043 -4.98 5.89 11.19
CA THR A 1043 -5.93 6.61 12.03
C THR A 1043 -7.25 5.86 12.19
N ASP A 1044 -8.08 5.87 11.16
CA ASP A 1044 -9.42 5.27 11.29
C ASP A 1044 -9.36 3.89 11.90
N HIS A 1045 -8.37 3.09 11.50
CA HIS A 1045 -8.23 1.75 12.08
C HIS A 1045 -7.90 1.73 13.61
N ILE A 1046 -6.94 2.51 14.10
CA ILE A 1046 -6.66 2.51 15.56
C ILE A 1046 -7.95 2.83 16.30
N HIS A 1047 -8.57 3.92 15.90
CA HIS A 1047 -9.80 4.44 16.50
C HIS A 1047 -10.91 3.43 16.50
N ALA A 1048 -11.02 2.60 15.48
CA ALA A 1048 -12.08 1.59 15.43
C ALA A 1048 -11.67 0.30 16.18
N GLY A 1049 -10.51 0.34 16.84
CA GLY A 1049 -10.06 -0.77 17.73
C GLY A 1049 -9.18 -1.89 17.14
N MET A 1050 -8.49 -1.60 16.04
CA MET A 1050 -7.62 -2.60 15.43
C MET A 1050 -6.30 -2.60 16.20
N GLU A 1051 -6.33 -3.24 17.37
CA GLU A 1051 -5.23 -3.17 18.32
C GLU A 1051 -5.38 -4.19 19.43
N THR A 1052 -4.24 -4.66 19.94
CA THR A 1052 -4.26 -5.46 21.13
C THR A 1052 -2.96 -5.24 21.86
N THR A 1053 -2.67 -6.11 22.83
CA THR A 1053 -1.35 -6.11 23.46
C THR A 1053 -0.69 -7.48 23.43
N TYR A 1054 0.63 -7.47 23.57
CA TYR A 1054 1.39 -8.72 23.67
C TYR A 1054 2.19 -8.51 24.90
N THR A 1055 2.52 -9.59 25.59
CA THR A 1055 3.20 -9.55 26.87
C THR A 1055 4.59 -10.16 26.81
N VAL A 1056 5.56 -9.47 27.38
CA VAL A 1056 6.91 -10.01 27.49
C VAL A 1056 7.19 -10.20 28.96
N LEU A 1057 7.48 -11.45 29.33
CA LEU A 1057 7.80 -11.82 30.70
C LEU A 1057 9.30 -12.03 30.91
N GLN A 1058 9.82 -11.74 32.11
CA GLN A 1058 11.23 -12.05 32.41
C GLN A 1058 11.49 -13.55 32.39
N ASN A 1059 12.76 -13.91 32.20
CA ASN A 1059 13.19 -15.32 32.05
C ASN A 1059 13.79 -15.81 33.37
C1 NAG B . -3.84 -7.05 34.18
C2 NAG B . -3.71 -8.34 33.35
C3 NAG B . -4.82 -9.38 33.68
C4 NAG B . -4.87 -9.61 35.20
C5 NAG B . -5.29 -8.24 35.74
C6 NAG B . -5.69 -8.29 37.22
C7 NAG B . -2.79 -8.60 31.06
C8 NAG B . -2.90 -8.23 29.61
N2 NAG B . -3.69 -8.06 31.91
O3 NAG B . -4.55 -10.57 33.00
O4 NAG B . -5.69 -10.71 35.61
O5 NAG B . -4.20 -7.34 35.54
O6 NAG B . -4.57 -8.61 38.02
O7 NAG B . -1.89 -9.37 31.40
CU CU C . 0.17 11.09 -1.80
CU CU D . 1.05 3.16 19.10
CU CU E . 5.47 2.86 18.68
CU CU F . 3.79 5.67 15.70
CU CU G . -7.05 -4.42 -7.60
CU CU H . -5.30 -1.03 9.39
O O I . 8.37 1.74 19.49
O1 OXY J . 2.81 4.35 17.40
O2 OXY J . 3.42 3.61 18.14
CA CA K . 4.64 4.31 30.51
C1 NAG L . -27.55 -10.70 -23.02
C2 NAG L . -27.05 -11.06 -24.44
C3 NAG L . -27.62 -10.10 -25.50
C4 NAG L . -29.16 -10.07 -25.43
C5 NAG L . -29.55 -9.65 -23.99
C6 NAG L . -31.08 -9.57 -23.88
C7 NAG L . -24.87 -12.16 -24.90
C8 NAG L . -23.38 -11.95 -25.01
N2 NAG L . -25.59 -11.07 -24.55
O3 NAG L . -27.19 -10.41 -26.81
O4 NAG L . -29.75 -9.24 -26.43
O5 NAG L . -28.98 -10.53 -23.01
O6 NAG L . -31.51 -9.66 -22.55
O7 NAG L . -25.32 -13.28 -25.10
NA NA M . -7.92 25.31 4.75
C1 GOL N . 6.16 -7.04 -3.29
O1 GOL N . 5.78 -5.79 -2.76
C2 GOL N . 4.96 -7.73 -3.93
O2 GOL N . 3.90 -7.92 -3.00
C3 GOL N . 5.42 -9.05 -4.55
O3 GOL N . 5.36 -10.14 -3.67
#